data_4B2X
#
_entry.id   4B2X
#
_cell.length_a   64.230
_cell.length_b   154.830
_cell.length_c   134.490
_cell.angle_alpha   90.00
_cell.angle_beta   92.19
_cell.angle_gamma   90.00
#
_symmetry.space_group_name_H-M   'C 1 2 1'
#
loop_
_entity.id
_entity.type
_entity.pdbx_description
1 polymer 'GLUCOSE-1-PHOSPHATE THYMIDYLYLTRANSFERASE'
2 non-polymer 6-amino-1-butyl-5-(cyclopentylamino)pyrimidine-2,4(1H,3H)-dione
3 non-polymer 'CHLORIDE ION'
4 non-polymer '2-(N-MORPHOLINO)-ETHANESULFONIC ACID'
5 water water
#
_entity_poly.entity_id   1
_entity_poly.type   'polypeptide(L)'
_entity_poly.pdbx_seq_one_letter_code
;HHHHHHGSMAMKRKGIILAGGSGTRLHPATLAISKQLLPVYDKPMIYYPLSTLMLAGIREILIISTPQDTPRFQQLLGDG
SNWGLDLQYAVQPSPDGLAQAFLIGESFIGNDLSALVLGDNLYYGHDFHELLGSASQRQTGASVFAYHVLDPERYGVVEF
DQGGKAISLEEKPLEPKSNYAVTGLYFYDQQVVDIARDLKPSPRGELEITDVNRAYLERGQLSVEIMGRGYAWLDTGTHD
SLLEAGQFIATLENRQGLKVACPEEIAYRQKWIDAAQLEKLAAPLAKNGYGQYLKRLLTETVY
;
_entity_poly.pdbx_strand_id   A,B,C,D
#
loop_
_chem_comp.id
_chem_comp.type
_chem_comp.name
_chem_comp.formula
CL non-polymer 'CHLORIDE ION' 'Cl -1'
MES non-polymer '2-(N-MORPHOLINO)-ETHANESULFONIC ACID' 'C6 H13 N O4 S'
NIQ non-polymer 6-amino-1-butyl-5-(cyclopentylamino)pyrimidine-2,4(1H,3H)-dione 'C13 H22 N4 O2'
#
# COMPACT_ATOMS: atom_id res chain seq x y z
N HIS A 1 12.69 -11.91 -32.92
CA HIS A 1 11.69 -11.16 -33.73
C HIS A 1 12.08 -9.72 -33.94
N HIS A 2 11.33 -9.03 -34.82
CA HIS A 2 11.65 -7.65 -35.18
C HIS A 2 11.12 -6.65 -34.21
N HIS A 3 12.00 -5.77 -33.75
CA HIS A 3 11.60 -4.61 -32.96
C HIS A 3 11.61 -3.39 -33.82
N HIS A 4 10.92 -2.36 -33.34
CA HIS A 4 10.79 -1.09 -34.04
C HIS A 4 11.07 -0.01 -33.06
N HIS A 5 11.98 0.90 -33.38
CA HIS A 5 12.24 2.01 -32.47
C HIS A 5 11.70 3.30 -33.03
N HIS A 6 11.07 4.11 -32.16
CA HIS A 6 10.49 5.40 -32.58
C HIS A 6 10.96 6.51 -31.69
N MET A 11 14.96 8.85 -25.17
CA MET A 11 14.29 7.85 -24.33
C MET A 11 13.94 8.38 -22.94
N LYS A 12 12.90 7.80 -22.32
CA LYS A 12 12.20 8.39 -21.15
C LYS A 12 12.40 7.65 -19.80
N ARG A 13 13.30 8.20 -19.01
CA ARG A 13 13.88 7.51 -17.88
C ARG A 13 12.92 7.26 -16.71
N LYS A 14 12.99 6.05 -16.17
CA LYS A 14 12.21 5.71 -14.99
C LYS A 14 13.06 5.83 -13.73
N GLY A 15 12.41 6.05 -12.60
CA GLY A 15 13.10 6.18 -11.33
C GLY A 15 12.81 5.04 -10.38
N ILE A 16 13.80 4.72 -9.56
CA ILE A 16 13.62 3.78 -8.45
C ILE A 16 14.13 4.42 -7.17
N ILE A 17 13.32 4.34 -6.11
CA ILE A 17 13.80 4.72 -4.78
C ILE A 17 13.94 3.46 -3.93
N LEU A 18 15.15 3.22 -3.45
CA LEU A 18 15.37 2.08 -2.57
C LEU A 18 15.18 2.54 -1.12
N ALA A 19 14.07 2.11 -0.52
CA ALA A 19 13.70 2.52 0.83
C ALA A 19 13.44 1.30 1.69
N GLY A 20 14.37 0.36 1.65
CA GLY A 20 14.24 -0.93 2.34
C GLY A 20 14.82 -0.90 3.73
N GLY A 21 15.16 -2.08 4.24
CA GLY A 21 15.63 -2.21 5.60
C GLY A 21 17.05 -1.71 5.72
N SER A 22 17.30 -0.87 6.72
CA SER A 22 18.65 -0.52 7.16
C SER A 22 19.03 -1.43 8.35
N GLY A 23 18.48 -2.65 8.33
CA GLY A 23 18.75 -3.66 9.35
C GLY A 23 18.47 -3.21 10.76
N THR A 24 19.33 -3.66 11.68
CA THR A 24 19.21 -3.33 13.09
C THR A 24 20.16 -2.20 13.50
N ARG A 25 20.77 -1.54 12.51
CA ARG A 25 21.83 -0.56 12.77
C ARG A 25 21.39 0.62 13.62
N LEU A 26 20.18 1.13 13.36
CA LEU A 26 19.66 2.29 14.11
C LEU A 26 18.60 1.90 15.15
N HIS A 27 18.46 0.60 15.42
CA HIS A 27 17.61 0.14 16.52
C HIS A 27 18.19 0.63 17.82
N PRO A 28 17.33 0.99 18.79
CA PRO A 28 15.87 0.84 18.82
C PRO A 28 15.04 1.96 18.15
N ALA A 29 15.66 3.05 17.72
CA ALA A 29 14.94 4.18 17.09
C ALA A 29 14.12 3.76 15.87
N THR A 30 14.60 2.75 15.15
CA THR A 30 13.91 2.28 13.94
C THR A 30 13.22 0.94 14.13
N LEU A 31 12.99 0.50 15.37
CA LEU A 31 12.26 -0.75 15.58
C LEU A 31 10.80 -0.66 15.12
N ALA A 32 10.17 0.49 15.30
CA ALA A 32 8.74 0.64 15.01
C ALA A 32 8.43 1.07 13.56
N ILE A 33 9.42 1.59 12.84
CA ILE A 33 9.20 2.11 11.50
C ILE A 33 10.50 2.29 10.72
N SER A 34 10.40 2.27 9.40
CA SER A 34 11.56 2.40 8.54
C SER A 34 12.19 3.79 8.65
N LYS A 35 13.52 3.79 8.56
CA LYS A 35 14.31 5.03 8.54
C LYS A 35 13.78 6.05 7.54
N GLN A 36 13.35 5.60 6.35
CA GLN A 36 12.95 6.51 5.28
C GLN A 36 11.59 7.15 5.49
N LEU A 37 10.90 6.74 6.55
CA LEU A 37 9.68 7.40 6.98
C LEU A 37 9.92 8.32 8.18
N LEU A 38 11.14 8.33 8.74
CA LEU A 38 11.49 9.26 9.84
C LEU A 38 11.50 10.66 9.25
N PRO A 39 11.02 11.65 10.01
CA PRO A 39 11.11 13.01 9.50
C PRO A 39 12.54 13.53 9.50
N VAL A 40 12.87 14.31 8.48
CA VAL A 40 13.97 15.24 8.53
C VAL A 40 13.35 16.63 8.63
N TYR A 41 13.38 17.15 9.85
CA TYR A 41 12.73 18.39 10.25
C TYR A 41 11.20 18.34 10.10
N ASP A 42 10.68 18.71 8.94
CA ASP A 42 9.24 18.95 8.79
C ASP A 42 8.55 18.03 7.80
N LYS A 43 9.27 17.04 7.27
CA LYS A 43 8.68 16.14 6.28
C LYS A 43 9.39 14.79 6.28
N PRO A 44 8.71 13.74 5.80
CA PRO A 44 9.36 12.43 5.81
C PRO A 44 10.63 12.38 4.97
N MET A 45 11.60 11.62 5.46
CA MET A 45 12.86 11.46 4.76
C MET A 45 12.69 11.18 3.28
N ILE A 46 11.76 10.31 2.90
CA ILE A 46 11.66 9.92 1.49
C ILE A 46 11.24 11.07 0.54
N TYR A 47 10.65 12.15 1.07
CA TYR A 47 10.35 13.34 0.26
C TYR A 47 11.60 13.91 -0.42
N TYR A 48 12.76 13.75 0.23
CA TYR A 48 13.98 14.38 -0.26
C TYR A 48 14.52 13.70 -1.53
N PRO A 49 14.73 12.37 -1.48
CA PRO A 49 15.11 11.69 -2.75
C PRO A 49 14.01 11.67 -3.81
N LEU A 50 12.75 11.62 -3.38
CA LEU A 50 11.65 11.72 -4.33
C LEU A 50 11.72 13.06 -5.07
N SER A 51 11.97 14.14 -4.32
CA SER A 51 12.09 15.46 -4.92
C SER A 51 13.27 15.54 -5.88
N THR A 52 14.34 14.81 -5.56
CA THR A 52 15.51 14.74 -6.42
C THR A 52 15.18 14.09 -7.76
N LEU A 53 14.47 12.98 -7.74
CA LEU A 53 14.02 12.37 -9.01
C LEU A 53 13.11 13.31 -9.80
N MET A 54 12.20 13.99 -9.11
CA MET A 54 11.27 14.92 -9.77
C MET A 54 12.03 16.07 -10.40
N LEU A 55 13.06 16.56 -9.73
CA LEU A 55 13.89 17.62 -10.27
C LEU A 55 14.65 17.16 -11.53
N ALA A 56 14.94 15.86 -11.62
CA ALA A 56 15.55 15.25 -12.81
C ALA A 56 14.55 15.04 -13.97
N GLY A 57 13.28 15.38 -13.75
CA GLY A 57 12.24 15.26 -14.75
C GLY A 57 11.54 13.91 -14.74
N ILE A 58 11.83 13.08 -13.74
CA ILE A 58 11.33 11.71 -13.70
C ILE A 58 9.95 11.66 -13.02
N ARG A 59 8.98 11.07 -13.72
CA ARG A 59 7.60 11.02 -13.23
C ARG A 59 7.11 9.61 -12.93
N GLU A 60 7.76 8.60 -13.49
CA GLU A 60 7.37 7.22 -13.27
C GLU A 60 8.37 6.58 -12.34
N ILE A 61 7.95 6.28 -11.11
CA ILE A 61 8.88 5.93 -10.05
C ILE A 61 8.41 4.70 -9.29
N LEU A 62 9.35 3.78 -9.03
CA LEU A 62 9.14 2.58 -8.24
C LEU A 62 9.73 2.76 -6.84
N ILE A 63 8.90 2.56 -5.82
CA ILE A 63 9.38 2.60 -4.44
C ILE A 63 9.54 1.17 -3.96
N ILE A 64 10.77 0.82 -3.58
CA ILE A 64 11.07 -0.48 -3.01
C ILE A 64 11.25 -0.38 -1.49
N SER A 65 10.45 -1.15 -0.75
CA SER A 65 10.54 -1.16 0.70
C SER A 65 10.33 -2.55 1.25
N THR A 66 10.45 -2.68 2.56
CA THR A 66 10.16 -3.95 3.23
C THR A 66 8.67 -4.28 3.11
N PRO A 67 8.32 -5.58 3.15
CA PRO A 67 6.91 -5.96 3.21
C PRO A 67 6.14 -5.31 4.35
N GLN A 68 6.77 -5.14 5.52
CA GLN A 68 6.10 -4.58 6.69
C GLN A 68 5.68 -3.13 6.46
N ASP A 69 6.53 -2.35 5.80
CA ASP A 69 6.28 -0.91 5.70
C ASP A 69 5.76 -0.41 4.37
N THR A 70 5.59 -1.30 3.39
CA THR A 70 5.05 -0.87 2.11
C THR A 70 3.70 -0.14 2.27
N PRO A 71 2.80 -0.64 3.13
CA PRO A 71 1.52 0.07 3.28
C PRO A 71 1.65 1.51 3.79
N ARG A 72 2.64 1.74 4.65
CA ARG A 72 2.92 3.07 5.20
C ARG A 72 3.40 4.03 4.10
N PHE A 73 4.31 3.56 3.23
CA PHE A 73 4.74 4.38 2.09
C PHE A 73 3.55 4.66 1.16
N GLN A 74 2.69 3.66 0.96
CA GLN A 74 1.52 3.83 0.10
C GLN A 74 0.48 4.78 0.68
N GLN A 75 0.33 4.78 2.00
CA GLN A 75 -0.59 5.70 2.65
C GLN A 75 -0.07 7.14 2.49
N LEU A 76 1.25 7.31 2.64
CA LEU A 76 1.90 8.61 2.49
C LEU A 76 1.83 9.13 1.07
N LEU A 77 2.25 8.30 0.11
CA LEU A 77 2.53 8.74 -1.25
C LEU A 77 1.44 8.41 -2.28
N GLY A 78 0.62 7.41 -1.98
CA GLY A 78 -0.44 7.01 -2.92
C GLY A 78 0.11 6.54 -4.24
N ASP A 79 -0.69 6.68 -5.29
CA ASP A 79 -0.26 6.27 -6.62
C ASP A 79 0.41 7.42 -7.39
N GLY A 80 0.57 8.56 -6.72
CA GLY A 80 1.30 9.68 -7.28
C GLY A 80 0.45 10.66 -8.07
N SER A 81 -0.80 10.29 -8.32
CA SER A 81 -1.67 11.08 -9.20
C SER A 81 -1.87 12.48 -8.66
N ASN A 82 -1.92 12.63 -7.34
CA ASN A 82 -2.06 13.94 -6.72
C ASN A 82 -0.94 14.91 -7.08
N TRP A 83 0.24 14.38 -7.42
CA TRP A 83 1.41 15.21 -7.72
C TRP A 83 1.88 15.10 -9.14
N GLY A 84 1.05 14.56 -10.01
CA GLY A 84 1.41 14.42 -11.43
C GLY A 84 2.46 13.35 -11.69
N LEU A 85 2.54 12.37 -10.80
CA LEU A 85 3.49 11.26 -10.92
C LEU A 85 2.72 9.95 -11.09
N ASP A 86 3.44 8.91 -11.46
CA ASP A 86 2.91 7.57 -11.35
C ASP A 86 3.86 6.76 -10.49
N LEU A 87 3.38 6.37 -9.31
CA LEU A 87 4.18 5.62 -8.36
C LEU A 87 3.75 4.16 -8.32
N GLN A 88 4.72 3.27 -8.39
CA GLN A 88 4.49 1.85 -8.19
C GLN A 88 5.30 1.37 -7.00
N TYR A 89 4.96 0.19 -6.49
CA TYR A 89 5.58 -0.34 -5.28
C TYR A 89 6.04 -1.77 -5.49
N ALA A 90 7.19 -2.07 -4.90
CA ALA A 90 7.72 -3.44 -4.84
C ALA A 90 8.30 -3.69 -3.47
N VAL A 91 8.41 -4.96 -3.08
CA VAL A 91 8.93 -5.30 -1.76
C VAL A 91 10.31 -5.94 -1.89
N GLN A 92 11.12 -5.72 -0.86
CA GLN A 92 12.41 -6.36 -0.72
C GLN A 92 12.36 -7.09 0.62
N PRO A 93 12.03 -8.39 0.58
CA PRO A 93 11.81 -9.13 1.84
C PRO A 93 13.09 -9.35 2.66
N SER A 94 14.24 -9.31 1.99
CA SER A 94 15.54 -9.41 2.66
C SER A 94 16.51 -8.38 2.05
N PRO A 95 17.28 -7.67 2.89
CA PRO A 95 18.19 -6.65 2.38
C PRO A 95 19.47 -7.26 1.79
N ASP A 96 19.41 -7.60 0.51
CA ASP A 96 20.49 -8.33 -0.16
C ASP A 96 21.42 -7.47 -1.02
N GLY A 97 21.36 -6.14 -0.84
CA GLY A 97 22.25 -5.22 -1.55
C GLY A 97 21.52 -4.25 -2.47
N LEU A 98 22.15 -3.12 -2.74
CA LEU A 98 21.52 -2.06 -3.54
C LEU A 98 21.23 -2.52 -4.98
N ALA A 99 22.13 -3.31 -5.56
CA ALA A 99 22.00 -3.74 -6.94
C ALA A 99 20.79 -4.66 -7.15
N GLN A 100 20.25 -5.22 -6.07
CA GLN A 100 19.03 -6.02 -6.14
C GLN A 100 17.82 -5.20 -6.63
N ALA A 101 17.90 -3.88 -6.53
CA ALA A 101 16.84 -3.00 -7.01
C ALA A 101 16.53 -3.23 -8.49
N PHE A 102 17.55 -3.59 -9.26
CA PHE A 102 17.37 -3.82 -10.70
C PHE A 102 16.72 -5.16 -11.03
N LEU A 103 16.91 -6.15 -10.15
CA LEU A 103 16.23 -7.43 -10.30
C LEU A 103 14.80 -7.30 -9.83
N ILE A 104 14.61 -6.72 -8.66
CA ILE A 104 13.26 -6.44 -8.15
C ILE A 104 12.52 -5.59 -9.16
N GLY A 105 13.18 -4.57 -9.72
CA GLY A 105 12.53 -3.63 -10.64
C GLY A 105 12.60 -3.95 -12.12
N GLU A 106 13.00 -5.16 -12.48
CA GLU A 106 13.20 -5.53 -13.89
C GLU A 106 11.96 -5.28 -14.74
N SER A 107 10.81 -5.80 -14.30
CA SER A 107 9.57 -5.63 -15.08
C SER A 107 9.15 -4.17 -15.14
N PHE A 108 9.38 -3.43 -14.04
CA PHE A 108 9.07 -1.99 -13.98
C PHE A 108 9.91 -1.18 -14.99
N ILE A 109 11.19 -1.50 -15.08
CA ILE A 109 12.11 -0.78 -15.94
C ILE A 109 11.84 -1.09 -17.41
N GLY A 110 11.60 -2.36 -17.70
CA GLY A 110 11.32 -2.76 -19.08
C GLY A 110 12.51 -2.43 -19.94
N ASN A 111 12.27 -1.70 -21.03
CA ASN A 111 13.34 -1.40 -21.98
C ASN A 111 13.83 0.05 -21.89
N ASP A 112 13.54 0.69 -20.77
CA ASP A 112 13.83 2.11 -20.60
C ASP A 112 15.14 2.36 -19.87
N LEU A 113 15.60 3.61 -19.93
CA LEU A 113 16.72 4.07 -19.12
C LEU A 113 16.21 4.18 -17.69
N SER A 114 17.11 4.29 -16.73
CA SER A 114 16.67 4.38 -15.35
C SER A 114 17.57 5.24 -14.49
N ALA A 115 17.07 5.54 -13.30
CA ALA A 115 17.85 6.19 -12.27
C ALA A 115 17.46 5.58 -10.94
N LEU A 116 18.45 5.26 -10.13
CA LEU A 116 18.28 4.76 -8.78
C LEU A 116 18.70 5.84 -7.78
N VAL A 117 17.86 6.10 -6.78
CA VAL A 117 18.25 6.96 -5.66
C VAL A 117 17.99 6.23 -4.33
N LEU A 118 18.91 6.41 -3.39
CA LEU A 118 18.74 5.86 -2.06
C LEU A 118 17.71 6.72 -1.29
N GLY A 119 16.81 6.03 -0.60
CA GLY A 119 15.70 6.69 0.10
C GLY A 119 16.10 7.49 1.31
N ASP A 120 17.35 7.36 1.75
CA ASP A 120 17.86 8.12 2.90
C ASP A 120 18.90 9.18 2.47
N ASN A 121 18.95 9.49 1.17
CA ASN A 121 19.89 10.49 0.66
C ASN A 121 19.24 11.84 0.40
N LEU A 122 19.83 12.91 0.94
CA LEU A 122 19.31 14.26 0.77
C LEU A 122 20.35 15.08 0.01
N TYR A 123 19.90 15.86 -0.97
CA TYR A 123 20.77 16.76 -1.71
C TYR A 123 20.27 18.20 -1.65
N TYR A 124 21.18 19.15 -1.63
CA TYR A 124 20.82 20.57 -1.63
C TYR A 124 21.86 21.37 -2.39
N GLY A 125 21.43 22.27 -3.26
CA GLY A 125 22.31 23.32 -3.76
C GLY A 125 21.92 23.94 -5.08
N HIS A 126 22.69 24.95 -5.47
CA HIS A 126 22.35 25.73 -6.64
C HIS A 126 22.74 25.05 -7.92
N ASP A 127 21.85 25.11 -8.92
CA ASP A 127 22.06 24.52 -10.26
C ASP A 127 22.05 22.99 -10.22
N PHE A 128 21.33 22.44 -9.25
CA PHE A 128 21.25 20.99 -9.10
C PHE A 128 20.46 20.39 -10.25
N HIS A 129 19.40 21.09 -10.67
CA HIS A 129 18.64 20.72 -11.88
C HIS A 129 19.52 20.51 -13.08
N GLU A 130 20.52 21.38 -13.24
CA GLU A 130 21.42 21.33 -14.39
C GLU A 130 22.47 20.24 -14.21
N LEU A 131 22.83 19.96 -12.96
CA LEU A 131 23.69 18.81 -12.65
C LEU A 131 22.97 17.51 -13.00
N LEU A 132 21.68 17.44 -12.67
CA LEU A 132 20.84 16.29 -13.01
C LEU A 132 20.55 16.25 -14.51
N GLY A 133 20.54 17.43 -15.14
CA GLY A 133 20.33 17.55 -16.59
C GLY A 133 21.37 16.79 -17.39
N SER A 134 22.64 17.03 -17.11
CA SER A 134 23.73 16.38 -17.83
C SER A 134 23.63 14.86 -17.80
N ALA A 135 23.36 14.30 -16.62
CA ALA A 135 23.28 12.85 -16.46
C ALA A 135 22.04 12.29 -17.16
N SER A 136 20.91 12.98 -17.00
CA SER A 136 19.66 12.53 -17.60
C SER A 136 19.75 12.48 -19.13
N GLN A 137 20.50 13.39 -19.74
CA GLN A 137 20.60 13.43 -21.21
C GLN A 137 21.57 12.41 -21.80
N ARG A 138 22.46 11.84 -20.99
CA ARG A 138 23.26 10.69 -21.44
C ARG A 138 22.38 9.46 -21.57
N GLN A 139 22.04 9.12 -22.81
CA GLN A 139 21.20 7.95 -23.08
C GLN A 139 21.99 6.65 -23.11
N THR A 140 23.32 6.74 -23.05
CA THR A 140 24.17 5.55 -23.05
C THR A 140 25.11 5.59 -21.85
N GLY A 141 25.46 4.42 -21.35
CA GLY A 141 26.38 4.29 -20.22
C GLY A 141 25.71 4.63 -18.90
N ALA A 142 26.54 4.90 -17.90
CA ALA A 142 26.08 5.22 -16.56
C ALA A 142 26.66 6.55 -16.11
N SER A 143 25.94 7.25 -15.23
CA SER A 143 26.42 8.51 -14.64
C SER A 143 26.28 8.44 -13.12
N VAL A 144 27.35 8.80 -12.44
CA VAL A 144 27.34 8.93 -10.98
C VAL A 144 27.99 10.26 -10.62
N PHE A 145 27.90 10.61 -9.34
CA PHE A 145 28.44 11.85 -8.85
C PHE A 145 29.38 11.55 -7.71
N ALA A 146 30.49 12.29 -7.66
CA ALA A 146 31.48 12.13 -6.61
C ALA A 146 31.52 13.40 -5.76
N TYR A 147 31.65 13.19 -4.44
CA TYR A 147 31.56 14.25 -3.46
C TYR A 147 32.64 14.06 -2.40
N HIS A 148 33.39 15.12 -2.13
CA HIS A 148 34.45 15.07 -1.15
C HIS A 148 33.87 14.91 0.22
N VAL A 149 34.30 13.87 0.94
CA VAL A 149 33.83 13.62 2.31
C VAL A 149 34.98 13.45 3.28
N LEU A 150 34.67 13.53 4.57
CA LEU A 150 35.64 13.34 5.64
C LEU A 150 36.03 11.86 5.79
N ASP A 151 35.10 10.96 5.47
CA ASP A 151 35.23 9.54 5.82
C ASP A 151 34.95 8.65 4.60
N PRO A 152 35.80 8.78 3.56
CA PRO A 152 35.51 8.07 2.32
C PRO A 152 35.51 6.55 2.46
N GLU A 153 36.18 6.05 3.50
CA GLU A 153 36.23 4.61 3.81
C GLU A 153 34.86 3.97 4.04
N ARG A 154 33.83 4.79 4.29
CA ARG A 154 32.46 4.30 4.44
C ARG A 154 31.73 4.10 3.12
N TYR A 155 32.35 4.51 2.02
CA TYR A 155 31.67 4.62 0.74
C TYR A 155 32.39 3.90 -0.38
N GLY A 156 31.73 3.85 -1.53
CA GLY A 156 32.41 3.64 -2.80
C GLY A 156 33.29 4.85 -3.08
N VAL A 157 34.56 4.62 -3.39
CA VAL A 157 35.55 5.69 -3.55
C VAL A 157 36.12 5.70 -4.95
N VAL A 158 36.21 6.90 -5.52
CA VAL A 158 36.69 7.08 -6.88
C VAL A 158 38.14 7.51 -6.88
N GLU A 159 38.94 6.86 -7.71
CA GLU A 159 40.33 7.26 -7.92
C GLU A 159 40.42 7.98 -9.27
N PHE A 160 41.05 9.15 -9.25
CA PHE A 160 41.26 9.95 -10.44
C PHE A 160 42.74 9.97 -10.80
N ASP A 161 43.05 10.00 -12.09
CA ASP A 161 44.43 10.22 -12.53
C ASP A 161 44.74 11.72 -12.51
N GLN A 162 45.98 12.10 -12.79
CA GLN A 162 46.41 13.50 -12.73
C GLN A 162 45.59 14.44 -13.63
N GLY A 163 45.01 13.89 -14.71
CA GLY A 163 44.15 14.67 -15.61
C GLY A 163 42.70 14.81 -15.16
N GLY A 164 42.33 14.14 -14.07
CA GLY A 164 40.98 14.24 -13.51
C GLY A 164 40.01 13.18 -14.00
N LYS A 165 40.53 12.18 -14.71
CA LYS A 165 39.72 11.08 -15.24
C LYS A 165 39.58 9.99 -14.18
N ALA A 166 38.34 9.52 -13.97
CA ALA A 166 38.09 8.42 -13.05
C ALA A 166 38.72 7.14 -13.59
N ILE A 167 39.58 6.52 -12.79
CA ILE A 167 40.30 5.31 -13.24
C ILE A 167 40.00 4.04 -12.43
N SER A 168 39.51 4.18 -11.20
CA SER A 168 39.12 3.03 -10.41
C SER A 168 38.04 3.35 -9.38
N LEU A 169 37.33 2.31 -8.96
CA LEU A 169 36.31 2.38 -7.92
C LEU A 169 36.62 1.30 -6.90
N GLU A 170 36.56 1.66 -5.62
CA GLU A 170 36.75 0.71 -4.54
C GLU A 170 35.63 0.89 -3.52
N GLU A 171 35.07 -0.23 -3.09
CA GLU A 171 34.00 -0.21 -2.09
C GLU A 171 34.62 -0.30 -0.71
N LYS A 172 34.39 0.74 0.11
CA LYS A 172 34.86 0.81 1.49
C LYS A 172 36.34 0.41 1.67
N PRO A 173 37.23 1.07 0.92
CA PRO A 173 38.66 0.78 1.06
C PRO A 173 39.19 1.24 2.42
N LEU A 174 40.07 0.43 3.02
CA LEU A 174 40.69 0.80 4.29
C LEU A 174 41.64 1.98 4.13
N GLU A 175 42.25 2.10 2.94
CA GLU A 175 43.14 3.19 2.61
C GLU A 175 42.66 3.84 1.31
N PRO A 176 41.64 4.70 1.41
CA PRO A 176 41.02 5.32 0.24
C PRO A 176 42.02 6.06 -0.66
N LYS A 177 41.87 5.93 -1.97
CA LYS A 177 42.77 6.62 -2.89
C LYS A 177 42.49 8.10 -3.00
N SER A 178 41.28 8.48 -2.58
CA SER A 178 40.87 9.88 -2.61
C SER A 178 39.83 10.06 -1.55
N ASN A 179 39.40 11.30 -1.37
CA ASN A 179 38.31 11.59 -0.46
C ASN A 179 36.97 11.72 -1.18
N TYR A 180 36.92 11.30 -2.45
CA TYR A 180 35.70 11.37 -3.28
C TYR A 180 34.84 10.10 -3.22
N ALA A 181 33.70 10.25 -2.55
CA ALA A 181 32.72 9.19 -2.38
C ALA A 181 31.66 9.27 -3.48
N VAL A 182 31.21 8.10 -3.94
CA VAL A 182 30.08 8.06 -4.86
C VAL A 182 28.78 8.28 -4.09
N THR A 183 28.00 9.27 -4.53
CA THR A 183 26.75 9.59 -3.83
C THR A 183 25.67 8.57 -4.20
N GLY A 184 24.52 8.65 -3.53
CA GLY A 184 23.49 7.63 -3.69
C GLY A 184 22.47 7.97 -4.77
N LEU A 185 22.95 8.50 -5.89
CA LEU A 185 22.11 8.78 -7.06
C LEU A 185 22.84 8.25 -8.27
N TYR A 186 22.17 7.38 -9.03
CA TYR A 186 22.83 6.66 -10.12
C TYR A 186 21.93 6.64 -11.34
N PHE A 187 22.49 7.02 -12.50
CA PHE A 187 21.76 6.98 -13.77
C PHE A 187 22.29 5.86 -14.67
N TYR A 188 21.39 5.06 -15.22
CA TYR A 188 21.78 3.89 -16.01
C TYR A 188 21.04 3.84 -17.33
N ASP A 189 21.69 3.23 -18.31
CA ASP A 189 21.08 2.93 -19.59
C ASP A 189 20.49 1.52 -19.55
N GLN A 190 20.15 0.97 -20.70
CA GLN A 190 19.41 -0.30 -20.76
C GLN A 190 20.24 -1.54 -20.43
N GLN A 191 21.55 -1.38 -20.19
CA GLN A 191 22.43 -2.51 -19.87
C GLN A 191 22.38 -2.94 -18.42
N VAL A 192 21.84 -2.11 -17.53
CA VAL A 192 22.03 -2.31 -16.09
C VAL A 192 21.38 -3.59 -15.56
N VAL A 193 20.19 -3.95 -16.06
CA VAL A 193 19.53 -5.15 -15.55
C VAL A 193 20.37 -6.41 -15.83
N ASP A 194 20.88 -6.52 -17.05
CA ASP A 194 21.76 -7.66 -17.41
C ASP A 194 23.07 -7.67 -16.60
N ILE A 195 23.64 -6.50 -16.35
CA ILE A 195 24.83 -6.38 -15.50
C ILE A 195 24.50 -6.86 -14.08
N ALA A 196 23.37 -6.41 -13.55
CA ALA A 196 22.95 -6.80 -12.21
C ALA A 196 22.65 -8.29 -12.12
N ARG A 197 22.00 -8.85 -13.14
CA ARG A 197 21.63 -10.26 -13.15
C ARG A 197 22.86 -11.17 -13.02
N ASP A 198 23.98 -10.74 -13.61
CA ASP A 198 25.22 -11.52 -13.61
C ASP A 198 26.13 -11.27 -12.39
N LEU A 199 25.72 -10.40 -11.47
CA LEU A 199 26.51 -10.17 -10.25
C LEU A 199 26.47 -11.37 -9.31
N LYS A 200 27.58 -11.62 -8.63
CA LYS A 200 27.63 -12.58 -7.53
C LYS A 200 27.82 -11.84 -6.20
N PRO A 201 27.23 -12.36 -5.11
CA PRO A 201 27.35 -11.68 -3.82
C PRO A 201 28.80 -11.45 -3.38
N SER A 202 29.06 -10.29 -2.79
CA SER A 202 30.36 -9.98 -2.21
C SER A 202 30.56 -10.84 -0.97
N PRO A 203 31.79 -10.84 -0.40
CA PRO A 203 32.03 -11.58 0.86
C PRO A 203 31.03 -11.25 1.97
N ARG A 204 30.55 -10.01 2.02
CA ARG A 204 29.52 -9.58 2.98
C ARG A 204 28.12 -10.12 2.69
N GLY A 205 27.96 -10.82 1.57
CA GLY A 205 26.67 -11.40 1.18
C GLY A 205 25.73 -10.34 0.63
N GLU A 206 26.24 -9.46 -0.22
CA GLU A 206 25.47 -8.38 -0.81
C GLU A 206 25.75 -8.19 -2.29
N LEU A 207 24.71 -7.87 -3.06
CA LEU A 207 24.87 -7.51 -4.47
C LEU A 207 25.20 -6.01 -4.54
N GLU A 208 26.44 -5.70 -4.92
CA GLU A 208 27.02 -4.37 -4.74
C GLU A 208 26.85 -3.44 -5.94
N ILE A 209 26.35 -2.23 -5.70
CA ILE A 209 26.25 -1.22 -6.75
C ILE A 209 27.63 -0.80 -7.29
N THR A 210 28.66 -0.86 -6.45
CA THR A 210 30.01 -0.54 -6.91
C THR A 210 30.49 -1.49 -8.01
N ASP A 211 30.06 -2.76 -7.94
CA ASP A 211 30.36 -3.74 -9.00
C ASP A 211 29.63 -3.41 -10.30
N VAL A 212 28.38 -2.95 -10.19
CA VAL A 212 27.65 -2.48 -11.36
C VAL A 212 28.40 -1.31 -11.98
N ASN A 213 28.83 -0.36 -11.15
CA ASN A 213 29.49 0.83 -11.63
C ASN A 213 30.86 0.52 -12.25
N ARG A 214 31.60 -0.41 -11.66
CA ARG A 214 32.87 -0.86 -12.23
C ARG A 214 32.69 -1.54 -13.60
N ALA A 215 31.60 -2.28 -13.78
CA ALA A 215 31.30 -2.89 -15.07
C ALA A 215 31.18 -1.83 -16.16
N TYR A 216 30.47 -0.75 -15.87
CA TYR A 216 30.43 0.41 -16.75
C TYR A 216 31.80 1.07 -16.93
N LEU A 217 32.55 1.22 -15.84
CA LEU A 217 33.89 1.83 -15.91
C LEU A 217 34.83 1.02 -16.82
N GLU A 218 34.72 -0.31 -16.72
CA GLU A 218 35.57 -1.20 -17.53
C GLU A 218 35.18 -1.18 -19.02
N ARG A 219 33.92 -0.83 -19.31
CA ARG A 219 33.41 -0.64 -20.69
C ARG A 219 33.74 0.74 -21.29
N GLY A 220 34.27 1.65 -20.48
CA GLY A 220 34.47 3.05 -20.88
C GLY A 220 33.18 3.86 -20.96
N GLN A 221 32.19 3.46 -20.16
CA GLN A 221 30.88 4.09 -20.21
C GLN A 221 30.39 4.59 -18.84
N LEU A 222 31.33 4.94 -17.95
CA LEU A 222 30.99 5.56 -16.68
C LEU A 222 31.42 7.02 -16.69
N SER A 223 30.44 7.91 -16.62
CA SER A 223 30.66 9.33 -16.38
C SER A 223 30.64 9.56 -14.87
N VAL A 224 31.70 10.19 -14.37
CA VAL A 224 31.77 10.56 -12.95
C VAL A 224 31.86 12.08 -12.88
N GLU A 225 30.73 12.72 -12.58
CA GLU A 225 30.70 14.18 -12.43
C GLU A 225 30.98 14.53 -10.98
N ILE A 226 31.77 15.58 -10.76
CA ILE A 226 32.02 16.08 -9.43
C ILE A 226 30.82 16.88 -8.97
N MET A 227 30.33 16.56 -7.77
CA MET A 227 29.39 17.39 -7.06
C MET A 227 30.25 18.21 -6.11
N GLY A 228 30.38 19.51 -6.42
CA GLY A 228 31.27 20.41 -5.70
C GLY A 228 30.92 20.71 -4.25
N ARG A 229 31.85 21.37 -3.55
CA ARG A 229 31.71 21.62 -2.13
C ARG A 229 30.57 22.59 -1.80
N GLY A 230 30.08 23.28 -2.82
CA GLY A 230 28.95 24.24 -2.65
C GLY A 230 27.61 23.55 -2.62
N TYR A 231 27.59 22.24 -2.84
CA TYR A 231 26.39 21.41 -2.59
C TYR A 231 26.47 20.69 -1.24
N ALA A 232 25.31 20.41 -0.66
CA ALA A 232 25.24 19.59 0.53
C ALA A 232 24.69 18.23 0.12
N TRP A 233 25.44 17.17 0.42
CA TRP A 233 24.94 15.81 0.27
C TRP A 233 25.00 15.20 1.65
N LEU A 234 23.84 14.90 2.19
CA LEU A 234 23.73 14.33 3.53
C LEU A 234 23.05 12.96 3.39
N ASP A 235 23.38 11.99 4.24
CA ASP A 235 22.75 10.66 4.11
C ASP A 235 22.18 10.01 5.37
N THR A 236 22.35 10.63 6.52
CA THR A 236 21.60 10.22 7.71
C THR A 236 21.93 8.80 8.20
N GLY A 237 23.20 8.42 8.14
CA GLY A 237 23.65 7.11 8.58
C GLY A 237 23.77 6.86 10.08
N THR A 238 23.82 7.93 10.87
CA THR A 238 23.87 7.80 12.32
C THR A 238 22.80 8.68 12.96
N HIS A 239 22.54 8.44 14.23
CA HIS A 239 21.61 9.31 14.96
C HIS A 239 22.10 10.75 14.96
N ASP A 240 23.41 10.94 15.08
CA ASP A 240 24.02 12.27 15.00
C ASP A 240 23.80 12.95 13.65
N SER A 241 24.07 12.23 12.57
CA SER A 241 23.93 12.85 11.26
C SER A 241 22.46 13.11 10.90
N LEU A 242 21.55 12.27 11.42
CA LEU A 242 20.10 12.49 11.28
C LEU A 242 19.71 13.83 11.93
N LEU A 243 20.20 14.06 13.15
CA LEU A 243 19.94 15.33 13.84
C LEU A 243 20.51 16.52 13.07
N GLU A 244 21.72 16.35 12.55
CA GLU A 244 22.37 17.40 11.78
C GLU A 244 21.60 17.72 10.51
N ALA A 245 21.09 16.70 9.84
CA ALA A 245 20.30 16.90 8.63
C ALA A 245 19.06 17.74 8.96
N GLY A 246 18.41 17.38 10.06
CA GLY A 246 17.22 18.10 10.54
C GLY A 246 17.50 19.57 10.78
N GLN A 247 18.61 19.86 11.48
CA GLN A 247 18.99 21.23 11.81
CA GLN A 247 18.97 21.24 11.82
C GLN A 247 19.36 22.03 10.56
N PHE A 248 19.99 21.35 9.61
CA PHE A 248 20.41 21.96 8.34
C PHE A 248 19.19 22.45 7.57
N ILE A 249 18.21 21.58 7.41
CA ILE A 249 17.00 21.90 6.67
C ILE A 249 16.25 23.02 7.38
N ALA A 250 16.15 22.93 8.70
CA ALA A 250 15.42 23.93 9.50
C ALA A 250 16.06 25.30 9.37
N THR A 251 17.36 25.35 9.41
CA THR A 251 18.06 26.63 9.26
C THR A 251 17.76 27.27 7.91
N LEU A 252 17.85 26.48 6.85
CA LEU A 252 17.56 26.96 5.49
C LEU A 252 16.10 27.41 5.35
N GLU A 253 15.16 26.58 5.76
CA GLU A 253 13.73 26.92 5.59
C GLU A 253 13.31 28.13 6.41
N ASN A 254 13.83 28.24 7.63
CA ASN A 254 13.44 29.35 8.50
C ASN A 254 14.09 30.66 8.08
N ARG A 255 15.23 30.56 7.41
CA ARG A 255 15.89 31.72 6.85
C ARG A 255 15.14 32.23 5.63
N GLN A 256 14.83 31.31 4.72
CA GLN A 256 14.33 31.65 3.40
C GLN A 256 12.83 31.84 3.31
N GLY A 257 12.08 31.19 4.20
CA GLY A 257 10.63 31.06 4.03
C GLY A 257 10.30 30.23 2.80
N LEU A 258 11.20 29.34 2.42
CA LEU A 258 10.99 28.41 1.32
C LEU A 258 11.33 27.04 1.85
N LYS A 259 10.68 26.01 1.32
CA LYS A 259 10.93 24.65 1.74
C LYS A 259 11.92 23.94 0.84
N VAL A 260 12.69 23.03 1.41
CA VAL A 260 13.53 22.15 0.62
C VAL A 260 12.77 20.84 0.39
N ALA A 261 12.70 20.41 -0.86
CA ALA A 261 12.10 19.12 -1.23
C ALA A 261 10.62 19.03 -0.86
N CYS A 262 9.86 20.03 -1.25
CA CYS A 262 8.43 19.96 -1.12
C CYS A 262 7.91 19.41 -2.47
N PRO A 263 7.44 18.15 -2.50
CA PRO A 263 7.05 17.55 -3.78
C PRO A 263 5.91 18.28 -4.49
N GLU A 264 4.92 18.75 -3.72
CA GLU A 264 3.83 19.56 -4.28
C GLU A 264 4.36 20.76 -5.06
N GLU A 265 5.33 21.44 -4.46
CA GLU A 265 5.91 22.63 -5.05
C GLU A 265 6.63 22.30 -6.35
N ILE A 266 7.46 21.27 -6.32
CA ILE A 266 8.21 20.86 -7.49
C ILE A 266 7.29 20.46 -8.63
N ALA A 267 6.24 19.70 -8.33
CA ALA A 267 5.26 19.32 -9.33
C ALA A 267 4.56 20.55 -9.95
N TYR A 268 4.24 21.52 -9.11
CA TYR A 268 3.61 22.77 -9.57
C TYR A 268 4.57 23.57 -10.46
N ARG A 269 5.84 23.67 -10.06
CA ARG A 269 6.84 24.40 -10.86
C ARG A 269 7.23 23.70 -12.16
N GLN A 270 7.08 22.37 -12.20
CA GLN A 270 7.32 21.58 -13.40
C GLN A 270 6.08 21.59 -14.33
N LYS A 271 4.99 22.16 -13.85
CA LYS A 271 3.68 22.21 -14.54
C LYS A 271 3.02 20.82 -14.67
N TRP A 272 3.37 19.92 -13.75
CA TRP A 272 2.74 18.61 -13.68
C TRP A 272 1.42 18.66 -12.96
N ILE A 273 1.24 19.64 -12.10
CA ILE A 273 -0.06 19.98 -11.56
C ILE A 273 -0.25 21.47 -11.76
N ASP A 274 -1.50 21.90 -11.87
CA ASP A 274 -1.80 23.34 -12.03
C ASP A 274 -2.26 23.96 -10.71
N ALA A 275 -2.51 25.27 -10.74
CA ALA A 275 -2.93 26.04 -9.57
C ALA A 275 -4.13 25.44 -8.81
N ALA A 276 -5.13 24.96 -9.55
CA ALA A 276 -6.36 24.45 -8.95
C ALA A 276 -6.12 23.17 -8.14
N GLN A 277 -5.28 22.28 -8.66
CA GLN A 277 -4.92 21.04 -7.97
CA GLN A 277 -4.99 21.04 -7.93
C GLN A 277 -4.06 21.34 -6.74
N LEU A 278 -3.13 22.27 -6.89
CA LEU A 278 -2.29 22.66 -5.75
C LEU A 278 -3.18 23.23 -4.61
N GLU A 279 -4.18 24.01 -4.99
CA GLU A 279 -5.16 24.55 -4.04
C GLU A 279 -5.90 23.43 -3.30
N LYS A 280 -6.31 22.40 -4.03
CA LYS A 280 -6.93 21.21 -3.43
C LYS A 280 -6.00 20.47 -2.46
N LEU A 281 -4.72 20.37 -2.80
CA LEU A 281 -3.76 19.70 -1.92
C LEU A 281 -3.52 20.50 -0.65
N ALA A 282 -3.59 21.82 -0.75
CA ALA A 282 -3.37 22.71 0.39
C ALA A 282 -4.51 22.64 1.41
N ALA A 283 -5.73 22.34 0.95
CA ALA A 283 -6.94 22.41 1.80
C ALA A 283 -6.91 21.55 3.07
N PRO A 284 -6.55 20.26 2.97
CA PRO A 284 -6.51 19.40 4.16
C PRO A 284 -5.45 19.79 5.20
N LEU A 285 -4.37 20.42 4.75
CA LEU A 285 -3.30 20.88 5.64
C LEU A 285 -3.41 22.39 5.94
N ALA A 286 -4.57 23.00 5.65
CA ALA A 286 -4.71 24.46 5.69
C ALA A 286 -4.41 25.11 7.06
N LYS A 287 -4.59 24.36 8.14
CA LYS A 287 -4.36 24.89 9.48
C LYS A 287 -2.91 24.74 9.97
N ASN A 288 -2.12 23.87 9.34
CA ASN A 288 -0.68 23.79 9.69
C ASN A 288 0.19 24.58 8.73
N GLY A 289 1.46 24.78 9.11
CA GLY A 289 2.41 25.56 8.30
C GLY A 289 2.65 25.01 6.90
N TYR A 290 2.54 23.70 6.72
CA TYR A 290 2.80 23.07 5.42
C TYR A 290 1.71 23.45 4.41
N GLY A 291 0.45 23.31 4.82
CA GLY A 291 -0.68 23.72 3.98
C GLY A 291 -0.66 25.21 3.68
N GLN A 292 -0.31 26.02 4.68
CA GLN A 292 -0.20 27.47 4.51
C GLN A 292 0.89 27.84 3.51
N TYR A 293 1.99 27.09 3.51
CA TYR A 293 3.04 27.27 2.53
C TYR A 293 2.55 26.98 1.12
N LEU A 294 1.83 25.86 0.94
CA LEU A 294 1.29 25.50 -0.38
C LEU A 294 0.37 26.60 -0.91
N LYS A 295 -0.46 27.16 -0.04
CA LYS A 295 -1.36 28.25 -0.42
C LYS A 295 -0.60 29.51 -0.86
N ARG A 296 0.44 29.88 -0.09
CA ARG A 296 1.30 31.02 -0.45
C ARG A 296 1.95 30.87 -1.84
N LEU A 297 2.31 29.65 -2.21
CA LEU A 297 2.92 29.37 -3.52
C LEU A 297 2.09 29.90 -4.69
N LEU A 298 0.77 29.86 -4.55
CA LEU A 298 -0.14 30.25 -5.62
C LEU A 298 -0.12 31.75 -5.95
N THR A 299 0.27 32.57 -4.96
CA THR A 299 0.21 34.02 -5.10
C THR A 299 1.56 34.69 -4.82
N GLU A 300 2.64 33.99 -5.17
CA GLU A 300 3.97 34.54 -5.06
C GLU A 300 4.84 34.09 -6.21
N THR A 301 5.59 35.03 -6.78
CA THR A 301 6.61 34.69 -7.77
C THR A 301 7.91 34.38 -7.03
N VAL A 302 8.43 33.18 -7.25
CA VAL A 302 9.71 32.76 -6.70
C VAL A 302 10.69 32.50 -7.84
N TYR A 303 11.77 33.26 -7.89
CA TYR A 303 12.76 33.12 -8.96
C TYR A 303 13.76 32.03 -8.62
N HIS B 2 8.30 -14.96 33.54
CA HIS B 2 7.00 -15.12 34.26
C HIS B 2 5.94 -14.27 33.62
N HIS B 3 4.87 -14.91 33.16
CA HIS B 3 3.83 -14.22 32.39
C HIS B 3 2.59 -13.98 33.19
N HIS B 4 1.85 -12.95 32.78
CA HIS B 4 0.63 -12.51 33.47
C HIS B 4 -0.51 -12.44 32.50
N HIS B 5 -1.66 -12.95 32.92
CA HIS B 5 -2.84 -12.95 32.06
C HIS B 5 -3.76 -11.80 32.37
N HIS B 6 -4.30 -11.18 31.33
CA HIS B 6 -5.16 -10.00 31.45
C HIS B 6 -6.28 -10.01 30.45
N GLY B 7 -7.26 -9.16 30.68
CA GLY B 7 -8.38 -8.96 29.76
C GLY B 7 -9.24 -10.20 29.59
N SER B 8 -9.70 -10.43 28.36
CA SER B 8 -10.60 -11.53 28.05
C SER B 8 -9.99 -12.89 28.39
N MET B 9 -10.82 -13.81 28.87
CA MET B 9 -10.38 -15.13 29.31
C MET B 9 -10.05 -16.03 28.11
N ALA B 10 -10.70 -15.76 26.97
CA ALA B 10 -10.42 -16.47 25.73
C ALA B 10 -9.18 -15.91 25.07
N MET B 11 -8.44 -16.76 24.36
CA MET B 11 -7.25 -16.34 23.64
C MET B 11 -7.60 -15.63 22.33
N LYS B 12 -6.67 -14.82 21.86
CA LYS B 12 -6.76 -14.19 20.56
C LYS B 12 -6.64 -15.25 19.48
N ARG B 13 -7.45 -15.16 18.43
CA ARG B 13 -7.27 -16.01 17.26
C ARG B 13 -6.91 -15.11 16.10
N LYS B 14 -5.77 -15.39 15.47
CA LYS B 14 -5.36 -14.64 14.31
C LYS B 14 -5.66 -15.39 13.02
N GLY B 15 -5.72 -14.63 11.94
CA GLY B 15 -6.15 -15.17 10.67
C GLY B 15 -5.01 -15.17 9.70
N ILE B 16 -5.03 -16.15 8.79
CA ILE B 16 -4.12 -16.18 7.66
C ILE B 16 -4.90 -16.41 6.39
N ILE B 17 -4.70 -15.55 5.39
CA ILE B 17 -5.21 -15.78 4.04
C ILE B 17 -4.08 -16.18 3.13
N LEU B 18 -4.19 -17.38 2.56
CA LEU B 18 -3.21 -17.86 1.61
C LEU B 18 -3.65 -17.48 0.19
N ALA B 19 -3.00 -16.47 -0.36
CA ALA B 19 -3.32 -15.92 -1.67
C ALA B 19 -2.12 -16.12 -2.56
N GLY B 20 -1.70 -17.37 -2.69
CA GLY B 20 -0.45 -17.72 -3.36
C GLY B 20 -0.60 -17.73 -4.86
N GLY B 21 0.50 -18.04 -5.54
CA GLY B 21 0.53 -18.07 -7.00
C GLY B 21 -0.44 -19.11 -7.55
N SER B 22 -1.17 -18.72 -8.59
CA SER B 22 -2.02 -19.63 -9.35
C SER B 22 -1.20 -20.31 -10.46
N GLY B 23 0.11 -20.05 -10.47
CA GLY B 23 0.98 -20.55 -11.52
C GLY B 23 0.59 -19.98 -12.86
N THR B 24 0.55 -20.85 -13.87
CA THR B 24 0.15 -20.46 -15.22
C THR B 24 -1.23 -21.03 -15.58
N ARG B 25 -1.91 -21.63 -14.60
CA ARG B 25 -3.14 -22.39 -14.83
C ARG B 25 -4.27 -21.58 -15.45
N LEU B 26 -4.41 -20.32 -15.04
CA LEU B 26 -5.50 -19.45 -15.52
C LEU B 26 -4.99 -18.40 -16.52
N HIS B 27 -3.76 -18.57 -17.01
CA HIS B 27 -3.20 -17.67 -18.02
C HIS B 27 -4.00 -17.78 -19.29
N PRO B 28 -4.07 -16.68 -20.07
CA PRO B 28 -3.43 -15.38 -19.89
C PRO B 28 -4.21 -14.39 -19.03
N ALA B 29 -5.43 -14.73 -18.60
CA ALA B 29 -6.20 -13.85 -17.70
C ALA B 29 -5.34 -13.39 -16.54
N THR B 30 -4.55 -14.31 -15.97
CA THR B 30 -3.74 -14.04 -14.79
C THR B 30 -2.31 -13.56 -15.11
N LEU B 31 -2.01 -13.33 -16.39
CA LEU B 31 -0.80 -12.59 -16.75
C LEU B 31 -0.97 -11.12 -16.32
N ALA B 32 -2.21 -10.63 -16.36
CA ALA B 32 -2.52 -9.25 -15.98
C ALA B 32 -2.48 -9.02 -14.46
N ILE B 33 -3.05 -9.95 -13.68
CA ILE B 33 -2.98 -9.86 -12.21
C ILE B 33 -3.22 -11.19 -11.52
N SER B 34 -2.79 -11.26 -10.26
CA SER B 34 -3.02 -12.42 -9.40
C SER B 34 -4.48 -12.86 -9.44
N LYS B 35 -4.67 -14.18 -9.40
CA LYS B 35 -5.99 -14.78 -9.33
C LYS B 35 -6.87 -14.13 -8.25
N GLN B 36 -6.30 -13.95 -7.06
CA GLN B 36 -7.08 -13.48 -5.91
C GLN B 36 -7.38 -11.96 -5.95
N LEU B 37 -6.90 -11.28 -6.99
CA LEU B 37 -7.30 -9.90 -7.29
C LEU B 37 -8.34 -9.78 -8.39
N LEU B 38 -8.62 -10.88 -9.09
CA LEU B 38 -9.69 -10.88 -10.09
C LEU B 38 -11.03 -10.73 -9.37
N PRO B 39 -11.97 -10.01 -10.01
CA PRO B 39 -13.28 -9.86 -9.39
C PRO B 39 -14.17 -11.10 -9.48
N VAL B 40 -14.93 -11.33 -8.42
CA VAL B 40 -16.12 -12.16 -8.48
C VAL B 40 -17.31 -11.21 -8.49
N TYR B 41 -17.89 -11.06 -9.67
CA TYR B 41 -18.93 -10.07 -9.98
C TYR B 41 -18.44 -8.62 -9.79
N ASP B 42 -18.52 -8.13 -8.56
CA ASP B 42 -18.37 -6.69 -8.31
C ASP B 42 -17.24 -6.35 -7.35
N LYS B 43 -16.50 -7.33 -6.86
CA LYS B 43 -15.45 -7.06 -5.88
C LYS B 43 -14.33 -8.06 -6.02
N PRO B 44 -13.10 -7.67 -5.60
CA PRO B 44 -11.96 -8.59 -5.69
C PRO B 44 -12.21 -9.89 -4.95
N MET B 45 -11.73 -10.98 -5.54
CA MET B 45 -11.89 -12.30 -4.98
C MET B 45 -11.50 -12.35 -3.51
N ILE B 46 -10.40 -11.69 -3.15
CA ILE B 46 -9.92 -11.74 -1.77
C ILE B 46 -10.90 -11.17 -0.72
N TYR B 47 -11.83 -10.31 -1.12
CA TYR B 47 -12.85 -9.79 -0.23
C TYR B 47 -13.68 -10.93 0.40
N TYR B 48 -13.84 -12.04 -0.33
CA TYR B 48 -14.73 -13.09 0.13
C TYR B 48 -14.12 -13.90 1.29
N PRO B 49 -12.90 -14.44 1.12
CA PRO B 49 -12.28 -15.09 2.28
C PRO B 49 -11.94 -14.11 3.43
N LEU B 50 -11.65 -12.85 3.10
CA LEU B 50 -11.43 -11.84 4.15
C LEU B 50 -12.70 -11.66 5.00
N SER B 51 -13.86 -11.59 4.33
CA SER B 51 -15.14 -11.42 4.99
C SER B 51 -15.46 -12.65 5.84
N THR B 52 -15.03 -13.82 5.37
CA THR B 52 -15.22 -15.03 6.14
C THR B 52 -14.46 -15.00 7.46
N LEU B 53 -13.20 -14.57 7.44
CA LEU B 53 -12.44 -14.44 8.69
C LEU B 53 -13.10 -13.40 9.60
N MET B 54 -13.54 -12.29 9.02
CA MET B 54 -14.18 -11.21 9.76
C MET B 54 -15.45 -11.70 10.43
N LEU B 55 -16.24 -12.52 9.72
CA LEU B 55 -17.45 -13.08 10.32
C LEU B 55 -17.14 -14.05 11.49
N ALA B 56 -15.98 -14.69 11.47
CA ALA B 56 -15.51 -15.51 12.60
C ALA B 56 -14.96 -14.65 13.75
N GLY B 57 -14.98 -13.32 13.61
CA GLY B 57 -14.56 -12.40 14.67
C GLY B 57 -13.09 -12.06 14.63
N ILE B 58 -12.43 -12.41 13.52
CA ILE B 58 -10.97 -12.30 13.43
C ILE B 58 -10.60 -10.95 12.81
N ARG B 59 -9.73 -10.22 13.49
CA ARG B 59 -9.34 -8.85 13.09
C ARG B 59 -7.88 -8.69 12.72
N GLU B 60 -7.04 -9.60 13.20
CA GLU B 60 -5.61 -9.59 12.95
C GLU B 60 -5.30 -10.69 11.96
N ILE B 61 -4.89 -10.29 10.77
CA ILE B 61 -4.83 -11.20 9.62
C ILE B 61 -3.56 -10.99 8.79
N LEU B 62 -2.91 -12.12 8.50
CA LEU B 62 -1.71 -12.15 7.66
C LEU B 62 -2.11 -12.61 6.27
N ILE B 63 -1.71 -11.82 5.28
CA ILE B 63 -1.96 -12.18 3.88
C ILE B 63 -0.63 -12.63 3.28
N ILE B 64 -0.60 -13.90 2.87
CA ILE B 64 0.57 -14.51 2.27
C ILE B 64 0.39 -14.59 0.76
N SER B 65 1.31 -13.99 0.02
CA SER B 65 1.25 -13.99 -1.43
C SER B 65 2.66 -13.97 -2.00
N THR B 66 2.79 -14.06 -3.32
CA THR B 66 4.10 -14.02 -3.97
C THR B 66 4.71 -12.62 -3.79
N PRO B 67 6.05 -12.50 -3.94
CA PRO B 67 6.67 -11.17 -3.83
C PRO B 67 6.06 -10.13 -4.79
N GLN B 68 5.72 -10.58 -5.98
CA GLN B 68 5.18 -9.74 -7.02
C GLN B 68 3.75 -9.27 -6.68
N ASP B 69 2.94 -10.16 -6.11
CA ASP B 69 1.54 -9.85 -5.80
C ASP B 69 1.38 -9.05 -4.50
N THR B 70 2.33 -9.22 -3.59
CA THR B 70 2.26 -8.60 -2.27
C THR B 70 1.92 -7.11 -2.34
N PRO B 71 2.68 -6.31 -3.12
CA PRO B 71 2.35 -4.89 -3.13
C PRO B 71 1.00 -4.55 -3.74
N ARG B 72 0.47 -5.44 -4.59
CA ARG B 72 -0.83 -5.21 -5.21
C ARG B 72 -1.94 -5.44 -4.18
N PHE B 73 -1.84 -6.50 -3.38
CA PHE B 73 -2.75 -6.69 -2.25
C PHE B 73 -2.67 -5.52 -1.28
N GLN B 74 -1.44 -5.06 -1.04
CA GLN B 74 -1.22 -3.96 -0.13
C GLN B 74 -1.88 -2.67 -0.61
N GLN B 75 -1.82 -2.42 -1.92
CA GLN B 75 -2.46 -1.25 -2.48
C GLN B 75 -3.98 -1.35 -2.35
N LEU B 76 -4.52 -2.56 -2.54
CA LEU B 76 -5.96 -2.78 -2.40
C LEU B 76 -6.45 -2.59 -0.97
N LEU B 77 -5.76 -3.22 -0.02
CA LEU B 77 -6.27 -3.41 1.34
C LEU B 77 -5.55 -2.58 2.42
N GLY B 78 -4.34 -2.14 2.15
CA GLY B 78 -3.60 -1.34 3.14
C GLY B 78 -3.31 -2.12 4.40
N ASP B 79 -3.25 -1.42 5.53
CA ASP B 79 -3.00 -2.10 6.80
C ASP B 79 -4.29 -2.51 7.50
N GLY B 80 -5.42 -2.24 6.85
CA GLY B 80 -6.74 -2.65 7.35
C GLY B 80 -7.39 -1.72 8.37
N SER B 81 -6.66 -0.71 8.85
CA SER B 81 -7.14 0.13 9.94
C SER B 81 -8.43 0.87 9.62
N ASN B 82 -8.63 1.22 8.35
CA ASN B 82 -9.86 1.85 7.87
C ASN B 82 -11.11 0.98 8.08
N TRP B 83 -10.90 -0.33 8.20
CA TRP B 83 -11.98 -1.30 8.43
C TRP B 83 -11.95 -1.91 9.80
N GLY B 84 -11.14 -1.34 10.70
CA GLY B 84 -10.96 -1.91 12.05
C GLY B 84 -10.19 -3.22 12.13
N LEU B 85 -9.34 -3.47 11.14
CA LEU B 85 -8.52 -4.67 11.06
C LEU B 85 -7.06 -4.34 11.22
N ASP B 86 -6.27 -5.37 11.53
CA ASP B 86 -4.81 -5.29 11.57
C ASP B 86 -4.29 -6.27 10.52
N LEU B 87 -4.04 -5.76 9.32
CA LEU B 87 -3.56 -6.58 8.22
C LEU B 87 -2.05 -6.52 8.12
N GLN B 88 -1.43 -7.69 8.06
CA GLN B 88 0.01 -7.83 7.85
C GLN B 88 0.26 -8.69 6.61
N TYR B 89 1.47 -8.65 6.09
CA TYR B 89 1.81 -9.28 4.84
C TYR B 89 3.10 -10.04 4.94
N ALA B 90 3.15 -11.21 4.31
CA ALA B 90 4.38 -12.00 4.21
C ALA B 90 4.45 -12.58 2.82
N VAL B 91 5.66 -12.80 2.34
CA VAL B 91 5.88 -13.25 0.98
C VAL B 91 6.06 -14.78 1.00
N GLN B 92 5.55 -15.45 -0.02
CA GLN B 92 5.81 -16.86 -0.24
C GLN B 92 6.58 -16.97 -1.55
N PRO B 93 7.91 -17.18 -1.47
CA PRO B 93 8.74 -17.23 -2.68
C PRO B 93 8.45 -18.42 -3.61
N SER B 94 8.07 -19.56 -3.04
CA SER B 94 7.81 -20.77 -3.81
C SER B 94 6.48 -21.42 -3.40
N PRO B 95 5.72 -21.94 -4.38
CA PRO B 95 4.53 -22.72 -4.03
C PRO B 95 4.88 -24.11 -3.48
N ASP B 96 5.33 -24.16 -2.23
CA ASP B 96 5.80 -25.41 -1.62
C ASP B 96 4.74 -26.09 -0.74
N GLY B 97 3.47 -25.71 -0.90
CA GLY B 97 2.37 -26.36 -0.20
C GLY B 97 1.61 -25.44 0.73
N LEU B 98 0.36 -25.82 1.03
CA LEU B 98 -0.51 -25.01 1.87
C LEU B 98 0.01 -24.93 3.30
N ALA B 99 0.63 -26.01 3.78
CA ALA B 99 1.12 -26.09 5.16
C ALA B 99 2.33 -25.17 5.44
N GLN B 100 2.99 -24.72 4.39
CA GLN B 100 4.10 -23.74 4.50
C GLN B 100 3.65 -22.42 5.14
N ALA B 101 2.36 -22.10 5.04
CA ALA B 101 1.79 -20.92 5.68
C ALA B 101 2.11 -20.81 7.19
N PHE B 102 2.22 -21.94 7.87
CA PHE B 102 2.51 -21.93 9.32
C PHE B 102 3.97 -21.66 9.62
N LEU B 103 4.84 -22.02 8.69
CA LEU B 103 6.27 -21.70 8.80
C LEU B 103 6.48 -20.22 8.44
N ILE B 104 5.92 -19.80 7.31
CA ILE B 104 5.97 -18.40 6.91
C ILE B 104 5.33 -17.53 8.00
N GLY B 105 4.21 -18.00 8.54
CA GLY B 105 3.45 -17.23 9.51
C GLY B 105 3.79 -17.49 10.97
N GLU B 106 4.91 -18.18 11.24
CA GLU B 106 5.27 -18.55 12.62
C GLU B 106 5.37 -17.35 13.56
N SER B 107 6.09 -16.31 13.17
CA SER B 107 6.27 -15.14 14.02
C SER B 107 4.95 -14.40 14.22
N PHE B 108 4.17 -14.28 13.15
CA PHE B 108 2.86 -13.66 13.21
C PHE B 108 1.92 -14.38 14.19
N ILE B 109 1.85 -15.69 14.09
CA ILE B 109 0.98 -16.51 14.96
C ILE B 109 1.38 -16.40 16.43
N GLY B 110 2.68 -16.51 16.69
CA GLY B 110 3.20 -16.45 18.05
C GLY B 110 2.61 -17.57 18.89
N ASN B 111 2.12 -17.22 20.08
CA ASN B 111 1.56 -18.20 21.01
C ASN B 111 0.03 -18.26 20.92
N ASP B 112 -0.53 -17.71 19.83
CA ASP B 112 -1.97 -17.53 19.74
C ASP B 112 -2.66 -18.64 18.94
N LEU B 113 -3.98 -18.65 19.02
CA LEU B 113 -4.83 -19.49 18.18
C LEU B 113 -4.78 -18.95 16.75
N SER B 114 -5.17 -19.76 15.77
CA SER B 114 -5.15 -19.31 14.39
C SER B 114 -6.29 -19.89 13.57
N ALA B 115 -6.49 -19.29 12.40
CA ALA B 115 -7.43 -19.81 11.41
C ALA B 115 -6.79 -19.52 10.06
N LEU B 116 -6.87 -20.48 9.15
CA LEU B 116 -6.30 -20.36 7.82
C LEU B 116 -7.44 -20.45 6.82
N VAL B 117 -7.46 -19.54 5.85
CA VAL B 117 -8.44 -19.61 4.77
C VAL B 117 -7.75 -19.48 3.42
N LEU B 118 -8.19 -20.28 2.45
CA LEU B 118 -7.66 -20.20 1.09
C LEU B 118 -8.25 -19.00 0.37
N GLY B 119 -7.42 -18.31 -0.39
CA GLY B 119 -7.76 -17.00 -0.94
C GLY B 119 -8.79 -17.02 -2.05
N ASP B 120 -9.07 -18.20 -2.57
CA ASP B 120 -10.01 -18.37 -3.67
C ASP B 120 -11.26 -19.13 -3.23
N ASN B 121 -11.51 -19.22 -1.93
CA ASN B 121 -12.73 -19.86 -1.42
C ASN B 121 -13.80 -18.83 -1.04
N LEU B 122 -15.02 -19.08 -1.48
CA LEU B 122 -16.17 -18.19 -1.28
C LEU B 122 -17.22 -19.00 -0.52
N TYR B 123 -17.79 -18.44 0.53
CA TYR B 123 -18.79 -19.12 1.35
C TYR B 123 -20.04 -18.26 1.40
N TYR B 124 -21.20 -18.91 1.32
CA TYR B 124 -22.49 -18.21 1.46
C TYR B 124 -23.50 -19.10 2.18
N GLY B 125 -24.21 -18.53 3.15
CA GLY B 125 -25.37 -19.18 3.73
C GLY B 125 -25.81 -18.61 5.05
N HIS B 126 -26.90 -19.17 5.58
CA HIS B 126 -27.52 -18.69 6.77
C HIS B 126 -26.86 -19.20 8.01
N ASP B 127 -26.71 -18.32 9.01
CA ASP B 127 -26.13 -18.67 10.31
C ASP B 127 -24.68 -19.14 10.17
N PHE B 128 -24.00 -18.62 9.15
CA PHE B 128 -22.60 -18.91 8.94
C PHE B 128 -21.78 -18.38 10.12
N HIS B 129 -22.27 -17.29 10.72
CA HIS B 129 -21.72 -16.77 11.98
C HIS B 129 -21.74 -17.78 13.09
N GLU B 130 -22.85 -18.51 13.24
CA GLU B 130 -22.97 -19.54 14.28
C GLU B 130 -22.13 -20.78 13.97
N LEU B 131 -22.09 -21.16 12.70
CA LEU B 131 -21.25 -22.26 12.23
C LEU B 131 -19.76 -22.00 12.53
N LEU B 132 -19.32 -20.77 12.27
CA LEU B 132 -17.94 -20.39 12.57
C LEU B 132 -17.74 -20.27 14.08
N GLY B 133 -18.80 -19.89 14.80
CA GLY B 133 -18.73 -19.65 16.24
C GLY B 133 -18.29 -20.82 17.08
N SER B 134 -18.79 -22.01 16.75
CA SER B 134 -18.41 -23.22 17.48
C SER B 134 -16.93 -23.58 17.24
N ALA B 135 -16.48 -23.46 16.01
CA ALA B 135 -15.08 -23.65 15.68
C ALA B 135 -14.21 -22.57 16.35
N SER B 136 -14.69 -21.34 16.32
CA SER B 136 -13.90 -20.21 16.83
C SER B 136 -13.71 -20.31 18.35
N GLN B 137 -14.75 -20.75 19.07
CA GLN B 137 -14.70 -20.73 20.53
C GLN B 137 -13.93 -21.91 21.15
N ARG B 138 -13.60 -22.94 20.37
CA ARG B 138 -12.71 -24.00 20.84
C ARG B 138 -11.30 -23.42 21.03
N GLN B 139 -10.80 -23.48 22.26
CA GLN B 139 -9.47 -22.97 22.59
C GLN B 139 -8.42 -24.09 22.46
N THR B 140 -8.87 -25.31 22.16
CA THR B 140 -8.00 -26.48 22.04
C THR B 140 -8.39 -27.34 20.83
N GLY B 141 -7.40 -27.98 20.21
CA GLY B 141 -7.59 -28.84 19.06
C GLY B 141 -7.77 -28.05 17.77
N ALA B 142 -8.25 -28.73 16.74
CA ALA B 142 -8.44 -28.15 15.42
C ALA B 142 -9.87 -28.36 14.97
N SER B 143 -10.36 -27.49 14.12
CA SER B 143 -11.70 -27.66 13.51
C SER B 143 -11.64 -27.45 12.00
N VAL B 144 -12.31 -28.36 11.28
CA VAL B 144 -12.48 -28.25 9.84
C VAL B 144 -13.95 -28.48 9.49
N PHE B 145 -14.29 -28.19 8.24
CA PHE B 145 -15.66 -28.34 7.76
C PHE B 145 -15.66 -29.26 6.56
N ALA B 146 -16.65 -30.16 6.53
CA ALA B 146 -16.81 -31.10 5.43
C ALA B 146 -18.06 -30.76 4.66
N TYR B 147 -17.96 -30.83 3.34
CA TYR B 147 -19.01 -30.40 2.43
C TYR B 147 -19.13 -31.38 1.30
N HIS B 148 -20.36 -31.81 1.05
CA HIS B 148 -20.63 -32.77 0.00
C HIS B 148 -20.42 -32.13 -1.34
N VAL B 149 -19.55 -32.71 -2.16
CA VAL B 149 -19.26 -32.22 -3.52
C VAL B 149 -19.38 -33.32 -4.57
N LEU B 150 -19.48 -32.92 -5.84
CA LEU B 150 -19.53 -33.86 -6.95
C LEU B 150 -18.17 -34.52 -7.22
N ASP B 151 -17.10 -33.76 -6.98
CA ASP B 151 -15.73 -34.14 -7.39
C ASP B 151 -14.75 -34.13 -6.22
N PRO B 152 -14.97 -35.01 -5.22
CA PRO B 152 -14.16 -35.04 -4.00
C PRO B 152 -12.67 -35.31 -4.28
N GLU B 153 -12.37 -35.96 -5.39
CA GLU B 153 -10.99 -36.27 -5.78
C GLU B 153 -10.08 -35.04 -5.97
N ARG B 154 -10.68 -33.85 -6.10
CA ARG B 154 -9.91 -32.60 -6.17
C ARG B 154 -9.46 -32.05 -4.82
N TYR B 155 -9.95 -32.65 -3.73
CA TYR B 155 -9.81 -32.08 -2.38
C TYR B 155 -9.27 -33.08 -1.38
N GLY B 156 -9.04 -32.57 -0.18
CA GLY B 156 -8.93 -33.40 1.00
C GLY B 156 -10.28 -34.01 1.28
N VAL B 157 -10.31 -35.32 1.50
CA VAL B 157 -11.57 -36.07 1.64
C VAL B 157 -11.63 -36.71 3.01
N VAL B 158 -12.78 -36.56 3.66
CA VAL B 158 -12.99 -37.12 4.98
C VAL B 158 -13.93 -38.32 4.91
N GLU B 159 -13.53 -39.38 5.61
CA GLU B 159 -14.29 -40.62 5.72
C GLU B 159 -14.87 -40.69 7.13
N PHE B 160 -16.15 -41.05 7.22
CA PHE B 160 -16.83 -41.19 8.50
C PHE B 160 -17.22 -42.65 8.68
N ASP B 161 -17.30 -43.09 9.94
CA ASP B 161 -17.86 -44.42 10.25
C ASP B 161 -19.38 -44.34 10.33
N GLN B 162 -20.03 -45.44 10.68
CA GLN B 162 -21.50 -45.47 10.75
C GLN B 162 -22.08 -44.53 11.81
N GLY B 163 -21.29 -44.19 12.82
CA GLY B 163 -21.72 -43.27 13.88
C GLY B 163 -21.45 -41.79 13.59
N GLY B 164 -20.90 -41.49 12.42
CA GLY B 164 -20.65 -40.10 12.00
C GLY B 164 -19.32 -39.54 12.45
N LYS B 165 -18.45 -40.41 12.95
CA LYS B 165 -17.13 -40.01 13.46
C LYS B 165 -16.11 -40.05 12.32
N ALA B 166 -15.32 -38.98 12.18
CA ALA B 166 -14.22 -38.96 11.22
C ALA B 166 -13.18 -40.01 11.58
N ILE B 167 -12.82 -40.84 10.60
CA ILE B 167 -11.85 -41.93 10.80
C ILE B 167 -10.63 -41.88 9.88
N SER B 168 -10.71 -41.13 8.77
CA SER B 168 -9.56 -40.97 7.87
C SER B 168 -9.66 -39.68 7.03
N LEU B 169 -8.49 -39.20 6.62
CA LEU B 169 -8.35 -38.06 5.72
C LEU B 169 -7.39 -38.45 4.60
N GLU B 170 -7.80 -38.20 3.36
CA GLU B 170 -6.94 -38.47 2.20
C GLU B 170 -6.87 -37.23 1.33
N GLU B 171 -5.67 -36.90 0.85
CA GLU B 171 -5.47 -35.75 -0.02
C GLU B 171 -5.62 -36.14 -1.49
N LYS B 172 -6.65 -35.57 -2.14
CA LYS B 172 -6.92 -35.78 -3.54
C LYS B 172 -6.88 -37.25 -3.92
N PRO B 173 -7.64 -38.09 -3.20
CA PRO B 173 -7.63 -39.52 -3.49
C PRO B 173 -8.19 -39.81 -4.88
N LEU B 174 -7.53 -40.71 -5.62
CA LEU B 174 -8.03 -41.13 -6.92
C LEU B 174 -9.31 -41.94 -6.75
N GLU B 175 -9.44 -42.62 -5.61
CA GLU B 175 -10.66 -43.34 -5.26
C GLU B 175 -11.17 -42.87 -3.89
N PRO B 176 -11.91 -41.75 -3.87
CA PRO B 176 -12.42 -41.14 -2.64
C PRO B 176 -13.29 -42.09 -1.80
N LYS B 177 -13.10 -42.06 -0.48
CA LYS B 177 -13.89 -42.90 0.43
C LYS B 177 -15.29 -42.30 0.66
N SER B 178 -15.46 -41.03 0.33
CA SER B 178 -16.76 -40.36 0.45
C SER B 178 -16.82 -39.18 -0.51
N ASN B 179 -17.98 -38.53 -0.55
CA ASN B 179 -18.14 -37.29 -1.29
C ASN B 179 -17.94 -36.02 -0.44
N TYR B 180 -17.49 -36.21 0.81
CA TYR B 180 -17.24 -35.09 1.72
C TYR B 180 -15.82 -34.53 1.59
N ALA B 181 -15.74 -33.34 1.00
CA ALA B 181 -14.47 -32.60 0.88
C ALA B 181 -14.27 -31.70 2.06
N VAL B 182 -13.00 -31.54 2.44
CA VAL B 182 -12.65 -30.60 3.48
C VAL B 182 -12.55 -29.24 2.83
N THR B 183 -13.31 -28.27 3.32
CA THR B 183 -13.31 -26.95 2.69
C THR B 183 -12.02 -26.23 3.09
N GLY B 184 -11.75 -25.12 2.43
CA GLY B 184 -10.49 -24.39 2.61
C GLY B 184 -10.54 -23.38 3.73
N LEU B 185 -11.08 -23.78 4.88
CA LEU B 185 -11.18 -22.92 6.06
C LEU B 185 -10.85 -23.80 7.26
N TYR B 186 -9.82 -23.45 8.00
CA TYR B 186 -9.30 -24.30 9.05
C TYR B 186 -9.06 -23.49 10.31
N PHE B 187 -9.43 -24.05 11.47
CA PHE B 187 -9.18 -23.44 12.77
C PHE B 187 -8.19 -24.28 13.58
N TYR B 188 -7.16 -23.62 14.12
CA TYR B 188 -6.08 -24.33 14.82
C TYR B 188 -5.79 -23.74 16.20
N ASP B 189 -5.35 -24.60 17.11
CA ASP B 189 -4.86 -24.15 18.42
C ASP B 189 -3.36 -23.90 18.36
N GLN B 190 -2.71 -23.76 19.52
CA GLN B 190 -1.30 -23.36 19.56
C GLN B 190 -0.31 -24.44 19.09
N GLN B 191 -0.79 -25.64 18.80
CA GLN B 191 0.07 -26.75 18.42
C GLN B 191 0.47 -26.77 16.94
N VAL B 192 -0.20 -25.97 16.12
CA VAL B 192 -0.13 -26.19 14.68
C VAL B 192 1.26 -25.91 14.07
N VAL B 193 1.96 -24.88 14.54
CA VAL B 193 3.27 -24.57 13.99
C VAL B 193 4.25 -25.71 14.21
N ASP B 194 4.24 -26.29 15.40
CA ASP B 194 5.14 -27.39 15.73
C ASP B 194 4.79 -28.66 14.94
N ILE B 195 3.49 -28.90 14.71
CA ILE B 195 3.07 -29.99 13.81
C ILE B 195 3.58 -29.74 12.39
N ALA B 196 3.45 -28.50 11.91
CA ALA B 196 3.88 -28.13 10.57
C ALA B 196 5.40 -28.27 10.40
N ARG B 197 6.13 -27.96 11.46
CA ARG B 197 7.60 -28.08 11.47
C ARG B 197 8.08 -29.52 11.23
N ASP B 198 7.31 -30.51 11.70
CA ASP B 198 7.65 -31.92 11.53
C ASP B 198 7.27 -32.52 10.16
N LEU B 199 6.60 -31.74 9.31
CA LEU B 199 6.16 -32.24 8.01
C LEU B 199 7.31 -32.31 7.01
N LYS B 200 7.26 -33.34 6.14
CA LYS B 200 8.19 -33.48 5.03
C LYS B 200 7.41 -33.55 3.71
N PRO B 201 8.00 -33.03 2.61
CA PRO B 201 7.31 -33.01 1.31
C PRO B 201 6.63 -34.33 0.92
N SER B 202 5.43 -34.21 0.35
CA SER B 202 4.64 -35.37 -0.08
C SER B 202 5.22 -35.97 -1.35
N PRO B 203 4.73 -37.15 -1.78
CA PRO B 203 5.09 -37.73 -3.07
C PRO B 203 5.08 -36.73 -4.25
N ARG B 204 4.16 -35.76 -4.22
CA ARG B 204 4.09 -34.71 -5.24
C ARG B 204 4.86 -33.41 -4.87
N GLY B 205 5.68 -33.48 -3.82
CA GLY B 205 6.71 -32.47 -3.55
C GLY B 205 6.30 -31.21 -2.82
N GLU B 206 5.31 -31.29 -1.93
CA GLU B 206 4.88 -30.13 -1.16
C GLU B 206 4.33 -30.45 0.24
N LEU B 207 4.24 -29.42 1.07
CA LEU B 207 3.77 -29.54 2.46
C LEU B 207 2.25 -29.48 2.52
N GLU B 208 1.63 -30.58 2.96
CA GLU B 208 0.18 -30.78 2.84
C GLU B 208 -0.61 -30.38 4.10
N ILE B 209 -1.63 -29.54 3.93
CA ILE B 209 -2.54 -29.23 5.02
C ILE B 209 -3.26 -30.50 5.53
N THR B 210 -3.54 -31.44 4.65
CA THR B 210 -4.17 -32.69 5.07
C THR B 210 -3.31 -33.47 6.09
N ASP B 211 -1.99 -33.36 5.96
CA ASP B 211 -1.07 -34.00 6.91
C ASP B 211 -1.14 -33.34 8.29
N VAL B 212 -1.30 -32.01 8.31
CA VAL B 212 -1.51 -31.28 9.56
C VAL B 212 -2.82 -31.73 10.21
N ASN B 213 -3.87 -31.80 9.40
CA ASN B 213 -5.17 -32.22 9.90
C ASN B 213 -5.19 -33.64 10.41
N ARG B 214 -4.47 -34.53 9.75
CA ARG B 214 -4.38 -35.93 10.17
C ARG B 214 -3.61 -36.08 11.50
N ALA B 215 -2.68 -35.16 11.76
CA ALA B 215 -1.96 -35.16 13.04
C ALA B 215 -2.92 -34.92 14.19
N TYR B 216 -3.82 -33.96 14.02
CA TYR B 216 -4.84 -33.67 15.03
C TYR B 216 -5.83 -34.81 15.17
N LEU B 217 -6.22 -35.42 14.05
CA LEU B 217 -7.14 -36.55 14.06
C LEU B 217 -6.55 -37.70 14.88
N GLU B 218 -5.28 -37.99 14.65
CA GLU B 218 -4.57 -39.06 15.36
C GLU B 218 -4.45 -38.84 16.87
N ARG B 219 -4.46 -37.58 17.32
CA ARG B 219 -4.43 -37.25 18.75
C ARG B 219 -5.83 -37.08 19.34
N GLY B 220 -6.86 -37.35 18.53
CA GLY B 220 -8.24 -37.18 18.97
C GLY B 220 -8.63 -35.73 19.21
N GLN B 221 -7.98 -34.81 18.49
CA GLN B 221 -8.22 -33.39 18.68
C GLN B 221 -8.72 -32.69 17.41
N LEU B 222 -9.33 -33.45 16.51
CA LEU B 222 -9.90 -32.88 15.29
C LEU B 222 -11.41 -32.94 15.31
N SER B 223 -12.03 -31.78 15.18
CA SER B 223 -13.47 -31.69 15.03
C SER B 223 -13.76 -31.48 13.55
N VAL B 224 -14.65 -32.32 13.00
CA VAL B 224 -15.11 -32.18 11.63
C VAL B 224 -16.59 -31.84 11.73
N GLU B 225 -16.91 -30.58 11.44
CA GLU B 225 -18.31 -30.11 11.41
C GLU B 225 -18.84 -30.26 10.00
N ILE B 226 -20.11 -30.65 9.84
CA ILE B 226 -20.70 -30.71 8.51
C ILE B 226 -21.14 -29.31 8.11
N MET B 227 -20.76 -28.89 6.91
CA MET B 227 -21.30 -27.69 6.28
C MET B 227 -22.37 -28.20 5.33
N GLY B 228 -23.62 -27.96 5.69
CA GLY B 228 -24.77 -28.57 5.02
C GLY B 228 -25.03 -28.03 3.62
N ARG B 229 -25.91 -28.74 2.92
CA ARG B 229 -26.22 -28.46 1.51
C ARG B 229 -26.90 -27.10 1.29
N GLY B 230 -27.42 -26.52 2.36
CA GLY B 230 -28.02 -25.17 2.33
C GLY B 230 -27.00 -24.05 2.37
N TYR B 231 -25.72 -24.42 2.48
CA TYR B 231 -24.62 -23.47 2.29
C TYR B 231 -24.04 -23.64 0.89
N ALA B 232 -23.56 -22.53 0.31
CA ALA B 232 -22.81 -22.61 -0.93
C ALA B 232 -21.35 -22.42 -0.61
N TRP B 233 -20.56 -23.42 -0.96
CA TRP B 233 -19.11 -23.29 -0.93
C TRP B 233 -18.66 -23.40 -2.35
N LEU B 234 -18.17 -22.30 -2.88
CA LEU B 234 -17.71 -22.27 -4.25
C LEU B 234 -16.19 -22.08 -4.29
N ASP B 235 -15.59 -22.77 -5.25
CA ASP B 235 -14.18 -22.71 -5.56
C ASP B 235 -14.08 -21.92 -6.88
N THR B 236 -13.06 -21.09 -7.01
CA THR B 236 -12.87 -20.31 -8.22
C THR B 236 -11.63 -20.80 -9.00
N GLY B 237 -11.45 -22.12 -9.06
CA GLY B 237 -10.24 -22.72 -9.64
C GLY B 237 -10.08 -22.75 -11.16
N THR B 238 -11.18 -22.60 -11.90
CA THR B 238 -11.14 -22.58 -13.36
C THR B 238 -11.82 -21.33 -13.89
N HIS B 239 -11.60 -21.01 -15.16
CA HIS B 239 -12.32 -19.89 -15.76
C HIS B 239 -13.81 -20.12 -15.68
N ASP B 240 -14.23 -21.37 -15.85
CA ASP B 240 -15.65 -21.70 -15.81
C ASP B 240 -16.24 -21.51 -14.42
N SER B 241 -15.50 -21.93 -13.40
CA SER B 241 -16.00 -21.85 -12.03
C SER B 241 -15.97 -20.39 -11.52
N LEU B 242 -15.03 -19.58 -12.02
CA LEU B 242 -14.99 -18.15 -11.68
C LEU B 242 -16.24 -17.43 -12.24
N LEU B 243 -16.58 -17.75 -13.48
CA LEU B 243 -17.75 -17.21 -14.17
C LEU B 243 -19.03 -17.62 -13.42
N GLU B 244 -19.12 -18.90 -13.04
CA GLU B 244 -20.25 -19.38 -12.26
C GLU B 244 -20.40 -18.67 -10.92
N ALA B 245 -19.29 -18.46 -10.22
CA ALA B 245 -19.31 -17.77 -8.92
C ALA B 245 -19.80 -16.32 -9.10
N GLY B 246 -19.33 -15.65 -10.15
CA GLY B 246 -19.79 -14.28 -10.47
C GLY B 246 -21.31 -14.18 -10.66
N GLN B 247 -21.86 -15.12 -11.43
CA GLN B 247 -23.30 -15.20 -11.71
CA GLN B 247 -23.30 -15.14 -11.71
C GLN B 247 -24.08 -15.47 -10.43
N PHE B 248 -23.54 -16.36 -9.61
CA PHE B 248 -24.15 -16.71 -8.33
C PHE B 248 -24.26 -15.48 -7.43
N ILE B 249 -23.15 -14.77 -7.24
CA ILE B 249 -23.17 -13.55 -6.43
C ILE B 249 -24.10 -12.48 -7.03
N ALA B 250 -24.04 -12.30 -8.34
CA ALA B 250 -24.89 -11.30 -9.03
C ALA B 250 -26.36 -11.58 -8.81
N THR B 251 -26.75 -12.84 -8.94
CA THR B 251 -28.14 -13.21 -8.72
C THR B 251 -28.62 -12.89 -7.29
N LEU B 252 -27.82 -13.24 -6.29
CA LEU B 252 -28.13 -12.93 -4.89
C LEU B 252 -28.22 -11.42 -4.64
N GLU B 253 -27.20 -10.68 -5.05
CA GLU B 253 -27.15 -9.24 -4.78
C GLU B 253 -28.25 -8.46 -5.49
N ASN B 254 -28.54 -8.82 -6.72
CA ASN B 254 -29.56 -8.12 -7.49
C ASN B 254 -30.98 -8.49 -7.03
N ARG B 255 -31.14 -9.69 -6.49
CA ARG B 255 -32.39 -10.06 -5.84
C ARG B 255 -32.63 -9.27 -4.55
N GLN B 256 -31.61 -9.25 -3.68
CA GLN B 256 -31.77 -8.76 -2.32
C GLN B 256 -31.56 -7.25 -2.16
N GLY B 257 -30.77 -6.66 -3.03
CA GLY B 257 -30.27 -5.30 -2.79
C GLY B 257 -29.35 -5.25 -1.58
N LEU B 258 -28.67 -6.36 -1.32
CA LEU B 258 -27.69 -6.49 -0.26
C LEU B 258 -26.45 -7.13 -0.86
N LYS B 259 -25.28 -6.81 -0.33
CA LYS B 259 -24.06 -7.34 -0.89
C LYS B 259 -23.57 -8.54 -0.10
N VAL B 260 -22.92 -9.46 -0.81
CA VAL B 260 -22.20 -10.56 -0.18
C VAL B 260 -20.73 -10.17 -0.04
N ALA B 261 -20.20 -10.31 1.16
CA ALA B 261 -18.77 -10.08 1.43
C ALA B 261 -18.34 -8.64 1.24
N CYS B 262 -19.09 -7.73 1.82
CA CYS B 262 -18.71 -6.31 1.87
C CYS B 262 -17.98 -6.09 3.20
N PRO B 263 -16.62 -5.94 3.18
CA PRO B 263 -15.90 -5.86 4.45
C PRO B 263 -16.30 -4.67 5.32
N GLU B 264 -16.56 -3.53 4.66
CA GLU B 264 -16.98 -2.30 5.33
C GLU B 264 -18.29 -2.52 6.10
N GLU B 265 -19.24 -3.19 5.46
CA GLU B 265 -20.50 -3.55 6.10
C GLU B 265 -20.27 -4.46 7.30
N ILE B 266 -19.47 -5.50 7.11
CA ILE B 266 -19.21 -6.44 8.17
C ILE B 266 -18.52 -5.77 9.37
N ALA B 267 -17.52 -4.94 9.09
CA ALA B 267 -16.86 -4.17 10.15
C ALA B 267 -17.85 -3.27 10.91
N TYR B 268 -18.75 -2.62 10.18
CA TYR B 268 -19.76 -1.74 10.77
C TYR B 268 -20.69 -2.54 11.66
N ARG B 269 -21.17 -3.67 11.15
CA ARG B 269 -22.08 -4.51 11.92
C ARG B 269 -21.43 -5.13 13.16
N GLN B 270 -20.13 -5.43 13.09
CA GLN B 270 -19.37 -5.98 14.20
C GLN B 270 -18.99 -4.89 15.21
N LYS B 271 -19.33 -3.65 14.91
CA LYS B 271 -18.97 -2.46 15.72
C LYS B 271 -17.45 -2.19 15.75
N TRP B 272 -16.73 -2.67 14.73
CA TRP B 272 -15.30 -2.41 14.59
C TRP B 272 -15.00 -1.06 14.02
N ILE B 273 -15.96 -0.50 13.29
CA ILE B 273 -15.92 0.89 12.87
C ILE B 273 -17.29 1.47 13.18
N ASP B 274 -17.38 2.78 13.37
CA ASP B 274 -18.66 3.40 13.68
C ASP B 274 -19.27 4.09 12.45
N ALA B 275 -20.45 4.65 12.63
CA ALA B 275 -21.19 5.28 11.54
C ALA B 275 -20.39 6.40 10.84
N ALA B 276 -19.65 7.21 11.61
CA ALA B 276 -18.86 8.29 11.02
C ALA B 276 -17.74 7.76 10.11
N GLN B 277 -17.10 6.68 10.54
CA GLN B 277 -16.05 6.05 9.74
C GLN B 277 -16.63 5.40 8.48
N LEU B 278 -17.79 4.77 8.59
CA LEU B 278 -18.47 4.21 7.42
C LEU B 278 -18.79 5.29 6.38
N GLU B 279 -19.28 6.44 6.84
CA GLU B 279 -19.62 7.55 5.94
C GLU B 279 -18.36 8.08 5.23
N LYS B 280 -17.26 8.16 5.98
CA LYS B 280 -15.95 8.52 5.42
C LYS B 280 -15.49 7.55 4.32
N LEU B 281 -15.77 6.25 4.50
CA LEU B 281 -15.41 5.25 3.50
C LEU B 281 -16.31 5.33 2.26
N ALA B 282 -17.56 5.74 2.47
CA ALA B 282 -18.52 5.88 1.37
C ALA B 282 -18.19 7.07 0.47
N ALA B 283 -17.68 8.14 1.06
CA ALA B 283 -17.40 9.39 0.33
C ALA B 283 -16.67 9.23 -1.02
N PRO B 284 -15.48 8.60 -1.02
CA PRO B 284 -14.76 8.43 -2.30
C PRO B 284 -15.43 7.48 -3.30
N LEU B 285 -16.35 6.64 -2.82
CA LEU B 285 -17.09 5.69 -3.65
C LEU B 285 -18.50 6.18 -4.02
N ALA B 286 -18.81 7.43 -3.72
CA ALA B 286 -20.17 7.97 -3.82
C ALA B 286 -20.74 7.98 -5.24
N LYS B 287 -19.86 8.08 -6.23
CA LYS B 287 -20.28 8.11 -7.63
C LYS B 287 -20.64 6.73 -8.20
N ASN B 288 -20.32 5.67 -7.47
CA ASN B 288 -20.65 4.31 -7.92
C ASN B 288 -21.62 3.60 -6.97
N GLY B 289 -22.13 2.45 -7.39
CA GLY B 289 -23.15 1.72 -6.63
C GLY B 289 -22.68 1.17 -5.29
N TYR B 290 -21.38 0.96 -5.15
CA TYR B 290 -20.82 0.40 -3.94
C TYR B 290 -20.87 1.43 -2.82
N GLY B 291 -20.44 2.66 -3.12
CA GLY B 291 -20.49 3.77 -2.15
C GLY B 291 -21.91 4.20 -1.81
N GLN B 292 -22.79 4.16 -2.81
CA GLN B 292 -24.22 4.40 -2.58
C GLN B 292 -24.79 3.34 -1.61
N TYR B 293 -24.35 2.09 -1.76
CA TYR B 293 -24.74 1.03 -0.85
C TYR B 293 -24.25 1.30 0.59
N LEU B 294 -22.99 1.66 0.74
CA LEU B 294 -22.43 1.93 2.07
C LEU B 294 -23.17 3.08 2.74
N LYS B 295 -23.53 4.09 1.96
CA LYS B 295 -24.29 5.23 2.48
C LYS B 295 -25.68 4.78 2.94
N ARG B 296 -26.34 3.93 2.16
CA ARG B 296 -27.67 3.42 2.52
C ARG B 296 -27.64 2.64 3.84
N LEU B 297 -26.53 1.96 4.11
CA LEU B 297 -26.37 1.21 5.37
C LEU B 297 -26.48 2.10 6.60
N LEU B 298 -26.15 3.37 6.46
CA LEU B 298 -26.17 4.29 7.61
C LEU B 298 -27.58 4.54 8.16
N THR B 299 -28.58 4.48 7.29
CA THR B 299 -29.96 4.82 7.67
C THR B 299 -30.98 3.67 7.55
N GLU B 300 -30.59 2.53 6.99
CA GLU B 300 -31.50 1.39 6.87
C GLU B 300 -31.24 0.33 7.93
N THR B 301 -32.31 -0.19 8.52
CA THR B 301 -32.21 -1.33 9.42
C THR B 301 -32.25 -2.61 8.59
N VAL B 302 -31.23 -3.45 8.73
CA VAL B 302 -31.18 -4.76 8.06
C VAL B 302 -31.08 -5.86 9.11
N TYR B 303 -32.03 -6.79 9.11
CA TYR B 303 -32.07 -7.88 10.09
C TYR B 303 -31.20 -9.04 9.64
N MET C 11 -0.72 1.03 48.98
CA MET C 11 -1.54 0.56 47.81
C MET C 11 -0.71 0.50 46.52
N LYS C 12 -1.15 -0.36 45.61
CA LYS C 12 -0.54 -0.47 44.29
C LYS C 12 -0.89 0.77 43.46
N ARG C 13 0.10 1.31 42.75
CA ARG C 13 -0.16 2.37 41.79
C ARG C 13 0.15 1.88 40.38
N LYS C 14 -0.85 1.97 39.51
CA LYS C 14 -0.74 1.57 38.11
C LYS C 14 -0.48 2.79 37.25
N GLY C 15 0.13 2.56 36.09
CA GLY C 15 0.49 3.66 35.21
C GLY C 15 -0.25 3.60 33.90
N ILE C 16 -0.46 4.76 33.31
CA ILE C 16 -1.04 4.88 31.98
C ILE C 16 -0.21 5.84 31.14
N ILE C 17 0.14 5.42 29.91
CA ILE C 17 0.78 6.33 28.97
C ILE C 17 -0.24 6.63 27.89
N LEU C 18 -0.60 7.90 27.73
CA LEU C 18 -1.52 8.30 26.68
C LEU C 18 -0.71 8.77 25.47
N ALA C 19 -0.63 7.91 24.47
CA ALA C 19 0.15 8.16 23.26
C ALA C 19 -0.80 8.20 22.08
N GLY C 20 -1.77 9.09 22.16
CA GLY C 20 -2.84 9.15 21.18
C GLY C 20 -2.56 10.09 20.04
N GLY C 21 -3.60 10.33 19.24
CA GLY C 21 -3.50 11.07 17.99
C GLY C 21 -3.28 12.55 18.19
N SER C 22 -2.35 13.09 17.41
CA SER C 22 -1.96 14.51 17.48
C SER C 22 -2.59 15.32 16.34
N GLY C 23 -3.69 14.82 15.77
CA GLY C 23 -4.39 15.47 14.66
C GLY C 23 -3.57 15.52 13.39
N THR C 24 -3.68 16.64 12.67
CA THR C 24 -2.89 16.87 11.45
C THR C 24 -1.82 17.93 11.68
N ARG C 25 -1.55 18.24 12.94
CA ARG C 25 -0.73 19.39 13.32
C ARG C 25 0.73 19.30 12.82
N LEU C 26 1.31 18.10 12.86
CA LEU C 26 2.70 17.89 12.40
C LEU C 26 2.77 17.13 11.06
N HIS C 27 1.68 17.12 10.31
CA HIS C 27 1.67 16.55 8.97
C HIS C 27 2.43 17.43 8.03
N PRO C 28 3.14 16.83 7.04
CA PRO C 28 3.19 15.41 6.68
C PRO C 28 4.20 14.57 7.46
N ALA C 29 4.99 15.19 8.32
CA ALA C 29 6.01 14.45 9.10
C ALA C 29 5.41 13.26 9.82
N THR C 30 4.20 13.41 10.36
CA THR C 30 3.55 12.37 11.15
C THR C 30 2.38 11.72 10.41
N LEU C 31 2.32 11.89 9.08
CA LEU C 31 1.26 11.27 8.28
C LEU C 31 1.32 9.74 8.40
N ALA C 32 2.53 9.20 8.37
CA ALA C 32 2.73 7.74 8.27
C ALA C 32 2.79 7.00 9.60
N ILE C 33 3.05 7.73 10.69
CA ILE C 33 3.28 7.09 11.99
C ILE C 33 3.08 8.11 13.09
N SER C 34 2.47 7.68 14.19
CA SER C 34 2.19 8.57 15.30
C SER C 34 3.51 9.05 15.88
N LYS C 35 3.53 10.29 16.36
CA LYS C 35 4.79 10.92 16.74
C LYS C 35 5.48 10.27 17.94
N GLN C 36 4.74 9.56 18.79
CA GLN C 36 5.34 8.92 19.98
C GLN C 36 6.16 7.67 19.61
N LEU C 37 6.05 7.22 18.36
CA LEU C 37 6.87 6.11 17.86
C LEU C 37 8.11 6.60 17.12
N LEU C 38 8.19 7.90 16.87
CA LEU C 38 9.36 8.51 16.28
C LEU C 38 10.47 8.68 17.31
N PRO C 39 11.72 8.67 16.84
CA PRO C 39 12.85 8.84 17.75
C PRO C 39 13.10 10.27 18.23
N VAL C 40 13.47 10.38 19.51
CA VAL C 40 14.13 11.56 20.01
C VAL C 40 15.59 11.14 20.18
N TYR C 41 16.41 11.57 19.24
CA TYR C 41 17.82 11.14 19.11
C TYR C 41 17.99 9.64 18.83
N ASP C 42 18.15 8.80 19.86
CA ASP C 42 18.54 7.39 19.65
C ASP C 42 17.52 6.34 20.08
N LYS C 43 16.33 6.77 20.52
CA LYS C 43 15.33 5.85 21.01
C LYS C 43 13.92 6.38 20.74
N PRO C 44 12.94 5.47 20.65
CA PRO C 44 11.55 5.89 20.39
C PRO C 44 11.07 6.86 21.45
N MET C 45 10.31 7.88 21.04
CA MET C 45 9.84 8.92 21.98
C MET C 45 9.21 8.33 23.23
N ILE C 46 8.45 7.25 23.07
CA ILE C 46 7.70 6.64 24.17
C ILE C 46 8.58 6.00 25.27
N TYR C 47 9.83 5.70 24.94
CA TYR C 47 10.78 5.25 25.97
C TYR C 47 10.92 6.28 27.08
N TYR C 48 10.77 7.57 26.76
CA TYR C 48 11.02 8.64 27.73
C TYR C 48 9.94 8.74 28.83
N PRO C 49 8.67 8.79 28.44
CA PRO C 49 7.63 8.76 29.49
C PRO C 49 7.50 7.40 30.17
N LEU C 50 7.79 6.31 29.44
CA LEU C 50 7.79 4.99 30.04
C LEU C 50 8.84 4.93 31.15
N SER C 51 10.02 5.47 30.86
CA SER C 51 11.09 5.57 31.83
C SER C 51 10.70 6.41 33.05
N THR C 52 9.95 7.49 32.82
CA THR C 52 9.45 8.32 33.94
C THR C 52 8.55 7.50 34.90
N LEU C 53 7.63 6.71 34.34
CA LEU C 53 6.82 5.79 35.16
C LEU C 53 7.67 4.75 35.91
N MET C 54 8.65 4.15 35.21
CA MET C 54 9.51 3.16 35.85
C MET C 54 10.32 3.76 37.00
N LEU C 55 10.80 4.99 36.82
CA LEU C 55 11.51 5.69 37.90
C LEU C 55 10.59 5.97 39.10
N ALA C 56 9.31 6.18 38.82
CA ALA C 56 8.29 6.33 39.88
C ALA C 56 7.96 4.99 40.56
N GLY C 57 8.57 3.90 40.11
CA GLY C 57 8.39 2.58 40.70
C GLY C 57 7.22 1.79 40.12
N ILE C 58 6.66 2.27 39.01
CA ILE C 58 5.45 1.68 38.44
C ILE C 58 5.80 0.62 37.40
N ARG C 59 5.22 -0.57 37.54
CA ARG C 59 5.54 -1.73 36.70
C ARG C 59 4.37 -2.21 35.86
N GLU C 60 3.15 -1.94 36.32
CA GLU C 60 1.93 -2.30 35.62
C GLU C 60 1.43 -1.07 34.88
N ILE C 61 1.48 -1.12 33.54
CA ILE C 61 1.33 0.08 32.73
C ILE C 61 0.41 -0.22 31.54
N LEU C 62 -0.57 0.66 31.33
CA LEU C 62 -1.44 0.61 30.15
C LEU C 62 -1.01 1.65 29.12
N ILE C 63 -0.79 1.21 27.90
CA ILE C 63 -0.44 2.08 26.80
C ILE C 63 -1.66 2.31 25.93
N ILE C 64 -2.09 3.56 25.85
CA ILE C 64 -3.23 3.94 25.03
C ILE C 64 -2.75 4.66 23.76
N SER C 65 -3.19 4.19 22.60
CA SER C 65 -2.81 4.81 21.34
C SER C 65 -3.99 4.80 20.38
N THR C 66 -3.78 5.33 19.19
CA THR C 66 -4.79 5.27 18.13
C THR C 66 -5.00 3.82 17.74
N PRO C 67 -6.18 3.49 17.18
CA PRO C 67 -6.41 2.11 16.71
C PRO C 67 -5.37 1.64 15.69
N GLN C 68 -4.98 2.52 14.77
CA GLN C 68 -4.00 2.14 13.75
C GLN C 68 -2.62 1.79 14.30
N ASP C 69 -2.17 2.49 15.34
CA ASP C 69 -0.77 2.35 15.77
C ASP C 69 -0.55 1.44 16.98
N THR C 70 -1.62 0.96 17.61
CA THR C 70 -1.49 0.03 18.75
C THR C 70 -0.64 -1.22 18.44
N PRO C 71 -0.86 -1.87 17.28
CA PRO C 71 0.01 -3.00 16.92
C PRO C 71 1.49 -2.63 16.84
N ARG C 72 1.78 -1.39 16.44
CA ARG C 72 3.15 -0.93 16.39
C ARG C 72 3.69 -0.70 17.81
N PHE C 73 2.85 -0.25 18.74
CA PHE C 73 3.28 -0.16 20.15
C PHE C 73 3.38 -1.56 20.77
N GLN C 74 2.44 -2.45 20.44
CA GLN C 74 2.46 -3.85 20.88
C GLN C 74 3.68 -4.62 20.38
N GLN C 75 4.00 -4.43 19.09
CA GLN C 75 5.19 -5.01 18.48
C GLN C 75 6.48 -4.47 19.11
N LEU C 76 6.48 -3.17 19.44
CA LEU C 76 7.68 -2.51 19.98
C LEU C 76 7.98 -2.97 21.40
N LEU C 77 6.97 -2.94 22.26
CA LEU C 77 7.20 -3.09 23.72
C LEU C 77 6.81 -4.45 24.29
N GLY C 78 5.99 -5.22 23.57
CA GLY C 78 5.54 -6.53 24.05
C GLY C 78 4.70 -6.48 25.30
N ASP C 79 4.67 -7.60 26.04
CA ASP C 79 3.94 -7.65 27.31
C ASP C 79 4.77 -7.10 28.49
N GLY C 80 5.98 -6.64 28.20
CA GLY C 80 6.85 -6.01 29.19
C GLY C 80 7.71 -6.97 30.00
N SER C 81 7.45 -8.26 29.88
CA SER C 81 8.14 -9.27 30.73
C SER C 81 9.65 -9.25 30.58
N ASN C 82 10.14 -8.88 29.40
CA ASN C 82 11.59 -8.76 29.16
C ASN C 82 12.26 -7.68 30.01
N TRP C 83 11.49 -6.68 30.43
CA TRP C 83 12.00 -5.56 31.23
C TRP C 83 11.45 -5.56 32.65
N GLY C 84 10.89 -6.68 33.08
CA GLY C 84 10.29 -6.80 34.39
C GLY C 84 9.03 -5.95 34.57
N LEU C 85 8.32 -5.71 33.46
CA LEU C 85 7.08 -4.92 33.48
C LEU C 85 5.89 -5.76 33.09
N ASP C 86 4.70 -5.24 33.37
CA ASP C 86 3.45 -5.87 32.98
C ASP C 86 2.70 -4.83 32.15
N LEU C 87 2.82 -4.92 30.83
CA LEU C 87 2.24 -3.94 29.93
C LEU C 87 0.92 -4.43 29.35
N GLN C 88 -0.04 -3.52 29.24
CA GLN C 88 -1.31 -3.77 28.59
C GLN C 88 -1.59 -2.64 27.59
N TYR C 89 -2.49 -2.91 26.64
CA TYR C 89 -2.81 -1.95 25.59
C TYR C 89 -4.30 -1.68 25.46
N ALA C 90 -4.61 -0.44 25.11
CA ALA C 90 -5.98 -0.02 24.80
C ALA C 90 -5.95 1.07 23.74
N VAL C 91 -7.11 1.36 23.15
CA VAL C 91 -7.16 2.32 22.05
C VAL C 91 -8.05 3.51 22.41
N GLN C 92 -7.67 4.67 21.89
CA GLN C 92 -8.50 5.88 21.93
C GLN C 92 -8.93 6.17 20.49
N PRO C 93 -10.19 5.83 20.14
CA PRO C 93 -10.61 5.93 18.73
C PRO C 93 -10.54 7.35 18.16
N SER C 94 -10.90 8.34 18.98
CA SER C 94 -10.88 9.74 18.57
C SER C 94 -10.21 10.58 19.67
N PRO C 95 -9.45 11.63 19.29
CA PRO C 95 -8.70 12.40 20.29
C PRO C 95 -9.59 13.41 21.02
N ASP C 96 -10.46 12.91 21.87
CA ASP C 96 -11.52 13.72 22.48
C ASP C 96 -11.26 14.07 23.95
N GLY C 97 -9.99 14.17 24.32
CA GLY C 97 -9.58 14.68 25.62
C GLY C 97 -8.69 13.75 26.39
N LEU C 98 -7.73 14.32 27.12
CA LEU C 98 -6.82 13.50 27.91
C LEU C 98 -7.53 12.72 29.02
N ALA C 99 -8.64 13.27 29.53
CA ALA C 99 -9.38 12.63 30.63
C ALA C 99 -10.04 11.34 30.18
N GLN C 100 -10.17 11.16 28.86
CA GLN C 100 -10.67 9.91 28.31
C GLN C 100 -9.79 8.73 28.69
N ALA C 101 -8.51 9.00 29.00
CA ALA C 101 -7.62 7.94 29.47
C ALA C 101 -8.21 7.17 30.65
N PHE C 102 -8.90 7.87 31.54
CA PHE C 102 -9.46 7.22 32.73
C PHE C 102 -10.73 6.42 32.48
N LEU C 103 -11.47 6.76 31.43
CA LEU C 103 -12.61 5.96 30.99
C LEU C 103 -12.12 4.71 30.25
N ILE C 104 -11.20 4.91 29.32
CA ILE C 104 -10.58 3.81 28.57
C ILE C 104 -9.86 2.85 29.53
N GLY C 105 -9.20 3.43 30.54
CA GLY C 105 -8.43 2.65 31.50
C GLY C 105 -9.14 2.22 32.77
N GLU C 106 -10.46 2.41 32.83
CA GLU C 106 -11.21 2.12 34.06
C GLU C 106 -11.03 0.68 34.57
N SER C 107 -11.19 -0.30 33.69
CA SER C 107 -11.03 -1.70 34.11
C SER C 107 -9.59 -2.00 34.51
N PHE C 108 -8.64 -1.44 33.76
CA PHE C 108 -7.22 -1.55 34.08
C PHE C 108 -6.90 -0.99 35.47
N ILE C 109 -7.41 0.20 35.76
CA ILE C 109 -7.13 0.85 37.04
C ILE C 109 -7.77 0.08 38.20
N GLY C 110 -9.02 -0.32 38.03
CA GLY C 110 -9.77 -0.99 39.09
C GLY C 110 -9.84 -0.14 40.36
N ASN C 111 -9.49 -0.73 41.50
CA ASN C 111 -9.56 -0.04 42.79
C ASN C 111 -8.21 0.53 43.23
N ASP C 112 -7.24 0.57 42.33
CA ASP C 112 -5.88 0.99 42.68
C ASP C 112 -5.63 2.47 42.48
N LEU C 113 -4.47 2.92 42.98
CA LEU C 113 -3.96 4.25 42.69
C LEU C 113 -3.50 4.27 41.24
N SER C 114 -3.37 5.46 40.67
CA SER C 114 -2.91 5.58 39.29
C SER C 114 -1.98 6.76 39.03
N ALA C 115 -1.31 6.71 37.87
CA ALA C 115 -0.53 7.84 37.38
C ALA C 115 -0.67 7.85 35.88
N LEU C 116 -0.84 9.03 35.33
CA LEU C 116 -0.94 9.23 33.89
C LEU C 116 0.25 10.05 33.42
N VAL C 117 0.88 9.61 32.33
CA VAL C 117 1.92 10.43 31.68
C VAL C 117 1.57 10.54 30.20
N LEU C 118 1.78 11.72 29.65
CA LEU C 118 1.57 11.94 28.22
C LEU C 118 2.74 11.31 27.45
N GLY C 119 2.41 10.66 26.33
CA GLY C 119 3.38 9.90 25.55
C GLY C 119 4.44 10.69 24.82
N ASP C 120 4.27 12.02 24.74
CA ASP C 120 5.23 12.92 24.09
C ASP C 120 5.96 13.86 25.06
N ASN C 121 5.91 13.55 26.35
CA ASN C 121 6.54 14.37 27.37
C ASN C 121 7.88 13.80 27.79
N LEU C 122 8.91 14.66 27.84
CA LEU C 122 10.25 14.23 28.22
C LEU C 122 10.71 15.03 29.43
N TYR C 123 11.18 14.33 30.46
CA TYR C 123 11.69 14.95 31.68
C TYR C 123 13.16 14.60 31.87
N TYR C 124 13.93 15.59 32.33
CA TYR C 124 15.33 15.40 32.69
C TYR C 124 15.67 16.26 33.92
N GLY C 125 16.37 15.67 34.88
CA GLY C 125 16.97 16.43 35.98
C GLY C 125 17.29 15.61 37.23
N HIS C 126 17.91 16.25 38.20
CA HIS C 126 18.47 15.55 39.35
C HIS C 126 17.45 15.29 40.41
N ASP C 127 17.45 14.06 40.92
CA ASP C 127 16.61 13.64 42.05
C ASP C 127 15.15 13.51 41.60
N PHE C 128 14.99 12.97 40.39
CA PHE C 128 13.67 12.79 39.77
C PHE C 128 12.99 11.58 40.40
N HIS C 129 13.80 10.55 40.69
CA HIS C 129 13.36 9.38 41.44
C HIS C 129 12.78 9.75 42.77
N GLU C 130 13.35 10.79 43.40
CA GLU C 130 12.87 11.28 44.69
C GLU C 130 11.68 12.23 44.54
N LEU C 131 11.64 13.00 43.44
CA LEU C 131 10.53 13.92 43.19
C LEU C 131 9.25 13.15 42.83
N LEU C 132 9.41 12.03 42.14
CA LEU C 132 8.28 11.14 41.82
C LEU C 132 7.86 10.34 43.07
N GLY C 133 8.83 10.01 43.92
CA GLY C 133 8.59 9.24 45.15
C GLY C 133 7.60 9.89 46.10
N SER C 134 7.81 11.17 46.39
CA SER C 134 6.89 11.93 47.24
C SER C 134 5.48 11.94 46.66
N ALA C 135 5.39 12.14 45.34
CA ALA C 135 4.12 12.08 44.64
C ALA C 135 3.51 10.69 44.73
N SER C 136 4.33 9.67 44.48
CA SER C 136 3.83 8.30 44.41
C SER C 136 3.32 7.78 45.76
N GLN C 137 3.92 8.24 46.85
CA GLN C 137 3.58 7.68 48.17
C GLN C 137 2.37 8.36 48.87
N ARG C 138 1.82 9.41 48.28
CA ARG C 138 0.55 9.97 48.76
C ARG C 138 -0.62 9.03 48.40
N GLN C 139 -1.27 8.47 49.42
CA GLN C 139 -2.38 7.53 49.23
C GLN C 139 -3.71 8.23 48.93
N THR C 140 -3.77 9.54 49.17
CA THR C 140 -5.00 10.32 48.99
C THR C 140 -4.71 11.56 48.15
N GLY C 141 -5.72 12.01 47.43
CA GLY C 141 -5.62 13.21 46.62
C GLY C 141 -4.86 12.96 45.33
N ALA C 142 -4.52 14.06 44.66
CA ALA C 142 -3.85 14.03 43.37
C ALA C 142 -2.61 14.90 43.47
N SER C 143 -1.59 14.60 42.66
CA SER C 143 -0.42 15.46 42.58
C SER C 143 -0.11 15.80 41.11
N VAL C 144 0.17 17.08 40.87
CA VAL C 144 0.66 17.54 39.57
C VAL C 144 1.91 18.40 39.79
N PHE C 145 2.60 18.69 38.69
CA PHE C 145 3.81 19.53 38.73
C PHE C 145 3.60 20.77 37.86
N ALA C 146 3.99 21.94 38.38
CA ALA C 146 3.89 23.18 37.62
C ALA C 146 5.31 23.65 37.25
N TYR C 147 5.46 24.15 36.04
CA TYR C 147 6.77 24.47 35.46
C TYR C 147 6.65 25.79 34.73
N HIS C 148 7.60 26.70 34.98
CA HIS C 148 7.64 28.00 34.36
C HIS C 148 7.97 27.87 32.89
N VAL C 149 7.09 28.40 32.04
CA VAL C 149 7.30 28.35 30.58
C VAL C 149 7.14 29.72 29.94
N LEU C 150 7.64 29.84 28.71
CA LEU C 150 7.52 31.04 27.89
C LEU C 150 6.09 31.27 27.40
N ASP C 151 5.35 30.18 27.20
CA ASP C 151 4.09 30.20 26.46
C ASP C 151 3.00 29.47 27.22
N PRO C 152 2.63 29.99 28.41
CA PRO C 152 1.68 29.29 29.27
C PRO C 152 0.30 29.08 28.62
N GLU C 153 -0.07 29.95 27.69
CA GLU C 153 -1.37 29.88 27.01
C GLU C 153 -1.61 28.56 26.27
N ARG C 154 -0.53 27.82 25.97
CA ARG C 154 -0.65 26.51 25.34
C ARG C 154 -1.09 25.40 26.29
N TYR C 155 -1.09 25.67 27.60
CA TYR C 155 -1.24 24.62 28.60
C TYR C 155 -2.35 24.93 29.62
N GLY C 156 -2.49 24.01 30.58
CA GLY C 156 -3.26 24.28 31.78
C GLY C 156 -2.40 25.15 32.68
N VAL C 157 -2.94 26.30 33.07
CA VAL C 157 -2.16 27.32 33.76
C VAL C 157 -2.59 27.42 35.23
N VAL C 158 -1.61 27.44 36.14
CA VAL C 158 -1.89 27.52 37.57
C VAL C 158 -1.75 28.96 38.09
N GLU C 159 -2.73 29.40 38.87
CA GLU C 159 -2.65 30.69 39.56
C GLU C 159 -2.36 30.42 41.03
N PHE C 160 -1.39 31.14 41.58
CA PHE C 160 -1.04 31.04 42.99
C PHE C 160 -1.37 32.35 43.70
N ASP C 161 -1.72 32.27 44.98
CA ASP C 161 -1.90 33.48 45.81
C ASP C 161 -0.53 33.94 46.32
N GLN C 162 -0.50 35.07 47.04
CA GLN C 162 0.77 35.65 47.50
C GLN C 162 1.54 34.70 48.42
N GLY C 163 0.83 33.83 49.14
CA GLY C 163 1.47 32.84 50.00
C GLY C 163 2.01 31.60 49.30
N GLY C 164 1.80 31.51 47.99
CA GLY C 164 2.33 30.39 47.18
C GLY C 164 1.34 29.25 46.95
N LYS C 165 0.09 29.44 47.37
CA LYS C 165 -0.94 28.41 47.25
C LYS C 165 -1.64 28.47 45.89
N ALA C 166 -1.74 27.31 45.24
CA ALA C 166 -2.54 27.17 44.04
C ALA C 166 -4.01 27.48 44.33
N ILE C 167 -4.56 28.46 43.62
CA ILE C 167 -5.95 28.87 43.82
C ILE C 167 -6.84 28.74 42.59
N SER C 168 -6.27 28.53 41.41
CA SER C 168 -7.08 28.23 40.23
C SER C 168 -6.29 27.54 39.11
N LEU C 169 -7.02 26.89 38.23
CA LEU C 169 -6.50 26.28 37.01
C LEU C 169 -7.36 26.72 35.83
N GLU C 170 -6.71 27.07 34.73
CA GLU C 170 -7.42 27.38 33.49
C GLU C 170 -6.74 26.67 32.34
N GLU C 171 -7.55 26.05 31.49
CA GLU C 171 -7.06 25.37 30.30
C GLU C 171 -6.93 26.35 29.14
N LYS C 172 -5.70 26.51 28.64
CA LYS C 172 -5.43 27.38 27.49
C LYS C 172 -6.10 28.74 27.60
N PRO C 173 -5.77 29.49 28.67
CA PRO C 173 -6.37 30.81 28.86
C PRO C 173 -5.86 31.83 27.83
N LEU C 174 -6.74 32.72 27.39
CA LEU C 174 -6.36 33.79 26.47
C LEU C 174 -5.51 34.83 27.20
N GLU C 175 -5.72 34.97 28.50
CA GLU C 175 -4.93 35.86 29.34
C GLU C 175 -4.41 35.08 30.55
N PRO C 176 -3.30 34.32 30.38
CA PRO C 176 -2.81 33.47 31.47
C PRO C 176 -2.51 34.21 32.78
N LYS C 177 -2.86 33.61 33.91
CA LYS C 177 -2.71 34.26 35.22
C LYS C 177 -1.28 34.18 35.76
N SER C 178 -0.51 33.21 35.26
CA SER C 178 0.90 33.07 35.61
C SER C 178 1.61 32.43 34.43
N ASN C 179 2.92 32.23 34.55
CA ASN C 179 3.67 31.50 33.54
C ASN C 179 3.91 30.04 33.90
N TYR C 180 3.18 29.54 34.90
CA TYR C 180 3.29 28.18 35.40
C TYR C 180 2.28 27.22 34.76
N ALA C 181 2.81 26.31 33.95
CA ALA C 181 2.05 25.30 33.22
C ALA C 181 2.07 23.96 33.95
N VAL C 182 0.95 23.25 33.92
CA VAL C 182 0.88 21.91 34.45
C VAL C 182 1.55 20.92 33.47
N THR C 183 2.52 20.17 33.96
CA THR C 183 3.26 19.24 33.09
C THR C 183 2.43 17.99 32.81
N GLY C 184 2.92 17.13 31.92
CA GLY C 184 2.13 15.96 31.50
C GLY C 184 2.35 14.71 32.33
N LEU C 185 2.42 14.88 33.65
CA LEU C 185 2.54 13.76 34.57
C LEU C 185 1.60 14.06 35.74
N TYR C 186 0.69 13.13 35.99
CA TYR C 186 -0.38 13.32 36.95
C TYR C 186 -0.51 12.09 37.83
N PHE C 187 -0.58 12.29 39.15
CA PHE C 187 -0.73 11.20 40.11
C PHE C 187 -2.10 11.30 40.77
N TYR C 188 -2.85 10.19 40.79
CA TYR C 188 -4.24 10.18 41.27
C TYR C 188 -4.53 9.06 42.26
N ASP C 189 -5.42 9.35 43.20
CA ASP C 189 -5.93 8.35 44.12
C ASP C 189 -7.10 7.61 43.47
N GLN C 190 -7.89 6.90 44.28
CA GLN C 190 -9.00 6.09 43.79
C GLN C 190 -10.23 6.88 43.31
N GLN C 191 -10.21 8.20 43.42
CA GLN C 191 -11.38 9.01 43.06
C GLN C 191 -11.45 9.35 41.58
N VAL C 192 -10.34 9.20 40.85
CA VAL C 192 -10.24 9.82 39.52
C VAL C 192 -11.19 9.21 38.47
N VAL C 193 -11.40 7.91 38.51
CA VAL C 193 -12.30 7.28 37.54
C VAL C 193 -13.70 7.88 37.69
N ASP C 194 -14.19 7.91 38.92
CA ASP C 194 -15.53 8.48 39.19
C ASP C 194 -15.64 9.95 38.82
N ILE C 195 -14.55 10.71 39.00
CA ILE C 195 -14.52 12.11 38.61
C ILE C 195 -14.58 12.23 37.09
N ALA C 196 -13.80 11.41 36.39
CA ALA C 196 -13.75 11.41 34.93
C ALA C 196 -15.11 11.02 34.35
N ARG C 197 -15.76 10.03 34.95
CA ARG C 197 -17.06 9.53 34.49
C ARG C 197 -18.17 10.60 34.53
N ASP C 198 -18.04 11.57 35.44
CA ASP C 198 -19.03 12.66 35.55
C ASP C 198 -18.69 13.93 34.75
N LEU C 199 -17.53 13.95 34.09
CA LEU C 199 -17.15 15.10 33.27
C LEU C 199 -18.06 15.26 32.06
N LYS C 200 -18.29 16.50 31.66
CA LYS C 200 -18.93 16.80 30.37
C LYS C 200 -17.93 17.48 29.45
N PRO C 201 -18.11 17.30 28.12
CA PRO C 201 -17.19 17.94 27.18
C PRO C 201 -17.11 19.45 27.34
N SER C 202 -15.92 20.01 27.12
CA SER C 202 -15.70 21.45 27.21
C SER C 202 -16.31 22.13 25.98
N PRO C 203 -16.30 23.48 25.94
CA PRO C 203 -16.70 24.19 24.71
C PRO C 203 -15.89 23.75 23.48
N ARG C 204 -14.67 23.26 23.67
CA ARG C 204 -13.85 22.74 22.58
C ARG C 204 -14.12 21.27 22.28
N GLY C 205 -15.03 20.66 23.03
CA GLY C 205 -15.54 19.31 22.73
C GLY C 205 -14.73 18.16 23.32
N GLU C 206 -13.89 18.46 24.31
CA GLU C 206 -12.99 17.47 24.88
C GLU C 206 -13.28 17.22 26.35
N LEU C 207 -12.97 16.01 26.82
CA LEU C 207 -12.97 15.71 28.25
C LEU C 207 -11.62 16.11 28.83
N GLU C 208 -11.62 17.20 29.60
CA GLU C 208 -10.40 17.92 29.99
C GLU C 208 -9.78 17.37 31.27
N ILE C 209 -8.49 17.08 31.23
CA ILE C 209 -7.74 16.71 32.44
C ILE C 209 -7.72 17.88 33.44
N THR C 210 -7.74 19.10 32.93
CA THR C 210 -7.77 20.26 33.81
C THR C 210 -9.07 20.27 34.64
N ASP C 211 -10.18 19.80 34.06
CA ASP C 211 -11.42 19.67 34.82
C ASP C 211 -11.31 18.61 35.92
N VAL C 212 -10.57 17.53 35.65
CA VAL C 212 -10.28 16.54 36.67
C VAL C 212 -9.48 17.19 37.80
N ASN C 213 -8.46 17.97 37.41
CA ASN C 213 -7.55 18.55 38.39
C ASN C 213 -8.23 19.64 39.22
N ARG C 214 -9.11 20.41 38.59
CA ARG C 214 -9.92 21.39 39.33
C ARG C 214 -10.88 20.73 40.32
N ALA C 215 -11.39 19.54 40.00
CA ALA C 215 -12.27 18.81 40.91
C ALA C 215 -11.52 18.45 42.19
N TYR C 216 -10.26 18.05 42.05
CA TYR C 216 -9.42 17.83 43.21
C TYR C 216 -9.09 19.15 43.91
N LEU C 217 -8.83 20.20 43.14
CA LEU C 217 -8.46 21.49 43.73
C LEU C 217 -9.57 22.03 44.63
N GLU C 218 -10.81 21.93 44.16
CA GLU C 218 -11.98 22.42 44.93
C GLU C 218 -12.14 21.75 46.30
N ARG C 219 -11.68 20.51 46.42
CA ARG C 219 -11.73 19.76 47.68
C ARG C 219 -10.42 19.86 48.48
N GLY C 220 -9.51 20.73 48.05
CA GLY C 220 -8.23 20.91 48.71
C GLY C 220 -7.34 19.67 48.65
N GLN C 221 -7.54 18.84 47.62
CA GLN C 221 -6.85 17.57 47.49
C GLN C 221 -5.88 17.56 46.31
N LEU C 222 -5.57 18.74 45.76
CA LEU C 222 -4.60 18.85 44.69
C LEU C 222 -3.31 19.44 45.21
N SER C 223 -2.26 18.62 45.19
CA SER C 223 -0.91 19.09 45.49
C SER C 223 -0.31 19.59 44.19
N VAL C 224 0.11 20.86 44.17
CA VAL C 224 0.80 21.41 43.01
C VAL C 224 2.21 21.69 43.45
N GLU C 225 3.13 20.80 43.08
CA GLU C 225 4.54 20.94 43.39
C GLU C 225 5.21 21.67 42.23
N ILE C 226 6.14 22.57 42.56
CA ILE C 226 6.89 23.26 41.52
C ILE C 226 8.01 22.35 41.04
N MET C 227 8.07 22.13 39.74
CA MET C 227 9.24 21.54 39.10
C MET C 227 10.15 22.69 38.74
N GLY C 228 11.29 22.77 39.43
CA GLY C 228 12.17 23.92 39.32
C GLY C 228 12.84 24.09 37.97
N ARG C 229 13.46 25.24 37.80
CA ARG C 229 14.15 25.61 36.55
C ARG C 229 15.38 24.73 36.27
N GLY C 230 15.88 24.04 37.30
CA GLY C 230 16.95 23.05 37.17
C GLY C 230 16.53 21.73 36.57
N TYR C 231 15.23 21.55 36.36
CA TYR C 231 14.71 20.42 35.59
C TYR C 231 14.40 20.89 34.18
N ALA C 232 14.56 19.97 33.23
CA ALA C 232 14.10 20.18 31.87
C ALA C 232 12.81 19.41 31.67
N TRP C 233 11.77 20.12 31.28
CA TRP C 233 10.56 19.49 30.76
C TRP C 233 10.50 19.90 29.30
N LEU C 234 10.84 18.98 28.40
CA LEU C 234 11.12 19.35 27.01
C LEU C 234 9.87 19.36 26.13
N ASP C 235 9.87 20.32 25.21
CA ASP C 235 8.76 20.60 24.31
C ASP C 235 8.89 19.74 23.05
N THR C 236 7.91 18.87 22.75
CA THR C 236 7.86 18.19 21.42
C THR C 236 6.59 18.53 20.61
N GLY C 237 6.08 19.74 20.77
CA GLY C 237 4.83 20.17 20.12
C GLY C 237 4.98 20.71 18.71
N THR C 238 6.19 21.07 18.33
CA THR C 238 6.48 21.57 17.00
C THR C 238 7.66 20.84 16.39
N HIS C 239 7.85 20.99 15.10
CA HIS C 239 9.03 20.42 14.45
C HIS C 239 10.27 21.02 15.05
N ASP C 240 10.23 22.31 15.37
CA ASP C 240 11.38 22.98 16.00
C ASP C 240 11.72 22.37 17.35
N SER C 241 10.71 22.20 18.19
CA SER C 241 10.94 21.73 19.54
C SER C 241 11.36 20.23 19.55
N LEU C 242 10.86 19.48 18.58
CA LEU C 242 11.29 18.07 18.37
C LEU C 242 12.80 17.96 18.17
N LEU C 243 13.31 18.83 17.30
CA LEU C 243 14.72 18.88 16.97
C LEU C 243 15.54 19.26 18.19
N GLU C 244 15.07 20.31 18.89
CA GLU C 244 15.75 20.81 20.10
C GLU C 244 15.90 19.74 21.16
N ALA C 245 14.86 18.92 21.31
CA ALA C 245 14.86 17.83 22.29
C ALA C 245 15.87 16.77 21.90
N GLY C 246 15.93 16.41 20.62
CA GLY C 246 16.95 15.46 20.14
C GLY C 246 18.38 15.90 20.41
N GLN C 247 18.65 17.18 20.16
CA GLN C 247 19.97 17.77 20.36
CA GLN C 247 19.99 17.77 20.35
C GLN C 247 20.28 17.85 21.84
N PHE C 248 19.24 18.12 22.63
CA PHE C 248 19.35 18.12 24.09
C PHE C 248 19.78 16.76 24.62
N ILE C 249 19.07 15.70 24.22
CA ILE C 249 19.43 14.35 24.64
C ILE C 249 20.84 14.04 24.11
N ALA C 250 21.11 14.34 22.84
CA ALA C 250 22.42 14.05 22.23
C ALA C 250 23.57 14.61 23.05
N THR C 251 23.46 15.89 23.39
CA THR C 251 24.50 16.62 24.12
C THR C 251 24.78 15.98 25.48
N LEU C 252 23.72 15.61 26.20
CA LEU C 252 23.89 14.98 27.51
C LEU C 252 24.55 13.62 27.37
N GLU C 253 24.02 12.79 26.48
CA GLU C 253 24.49 11.43 26.34
C GLU C 253 25.93 11.36 25.85
N ASN C 254 26.29 12.25 24.94
CA ASN C 254 27.65 12.25 24.39
C ASN C 254 28.69 12.84 25.36
N ARG C 255 28.23 13.73 26.24
CA ARG C 255 29.09 14.27 27.29
C ARG C 255 29.37 13.19 28.34
N GLN C 256 28.29 12.55 28.78
CA GLN C 256 28.34 11.66 29.94
C GLN C 256 28.77 10.24 29.63
N GLY C 257 28.50 9.76 28.42
CA GLY C 257 28.57 8.33 28.13
C GLY C 257 27.50 7.52 28.85
N LEU C 258 26.41 8.18 29.24
CA LEU C 258 25.28 7.52 29.87
C LEU C 258 24.05 7.92 29.07
N LYS C 259 23.06 7.04 29.05
CA LYS C 259 21.83 7.30 28.29
C LYS C 259 20.75 7.86 29.18
N VAL C 260 19.89 8.68 28.58
CA VAL C 260 18.66 9.14 29.24
C VAL C 260 17.52 8.22 28.86
N ALA C 261 16.76 7.77 29.85
CA ALA C 261 15.55 6.95 29.65
C ALA C 261 15.80 5.67 28.86
N CYS C 262 16.82 4.94 29.25
CA CYS C 262 17.03 3.59 28.78
C CYS C 262 16.23 2.66 29.68
N PRO C 263 15.11 2.09 29.17
CA PRO C 263 14.28 1.25 30.05
C PRO C 263 14.98 -0.02 30.59
N GLU C 264 15.84 -0.63 29.78
CA GLU C 264 16.54 -1.84 30.21
C GLU C 264 17.43 -1.50 31.41
N GLU C 265 18.14 -0.39 31.33
CA GLU C 265 18.99 0.08 32.43
C GLU C 265 18.17 0.36 33.68
N ILE C 266 17.04 1.04 33.54
CA ILE C 266 16.23 1.38 34.70
C ILE C 266 15.68 0.12 35.37
N ALA C 267 15.21 -0.85 34.58
CA ALA C 267 14.75 -2.14 35.11
C ALA C 267 15.87 -2.82 35.89
N TYR C 268 17.07 -2.83 35.31
CA TYR C 268 18.25 -3.44 35.93
C TYR C 268 18.57 -2.80 37.28
N ARG C 269 18.53 -1.47 37.33
CA ARG C 269 18.87 -0.73 38.56
C ARG C 269 17.80 -0.86 39.63
N GLN C 270 16.55 -1.01 39.20
CA GLN C 270 15.42 -1.28 40.10
C GLN C 270 15.37 -2.74 40.56
N LYS C 271 16.28 -3.56 40.04
CA LYS C 271 16.32 -5.00 40.33
C LYS C 271 15.06 -5.71 39.83
N TRP C 272 14.47 -5.21 38.74
CA TRP C 272 13.33 -5.88 38.12
C TRP C 272 13.75 -6.92 37.13
N ILE C 273 14.98 -6.80 36.65
CA ILE C 273 15.63 -7.84 35.87
C ILE C 273 17.03 -8.00 36.47
N ASP C 274 17.62 -9.19 36.30
CA ASP C 274 18.96 -9.48 36.81
C ASP C 274 20.01 -9.43 35.68
N ALA C 275 21.29 -9.56 36.06
CA ALA C 275 22.40 -9.43 35.12
C ALA C 275 22.32 -10.41 33.95
N ALA C 276 21.84 -11.62 34.21
CA ALA C 276 21.66 -12.62 33.16
C ALA C 276 20.59 -12.20 32.15
N GLN C 277 19.53 -11.55 32.61
CA GLN C 277 18.48 -11.04 31.72
C GLN C 277 18.98 -9.83 30.91
N LEU C 278 19.68 -8.90 31.56
CA LEU C 278 20.27 -7.76 30.85
C LEU C 278 21.24 -8.20 29.76
N GLU C 279 21.99 -9.26 30.04
CA GLU C 279 22.95 -9.80 29.09
C GLU C 279 22.24 -10.34 27.83
N LYS C 280 21.14 -11.06 28.03
CA LYS C 280 20.31 -11.55 26.93
C LYS C 280 19.70 -10.40 26.11
N LEU C 281 19.24 -9.35 26.78
CA LEU C 281 18.70 -8.17 26.10
C LEU C 281 19.74 -7.44 25.24
N ALA C 282 21.00 -7.49 25.66
CA ALA C 282 22.08 -6.79 24.96
C ALA C 282 22.53 -7.50 23.68
N ALA C 283 22.18 -8.77 23.55
CA ALA C 283 22.67 -9.63 22.44
C ALA C 283 22.22 -9.17 21.05
N PRO C 284 20.90 -9.00 20.82
CA PRO C 284 20.43 -8.64 19.48
C PRO C 284 21.09 -7.39 18.92
N LEU C 285 21.20 -6.36 19.74
CA LEU C 285 21.79 -5.09 19.32
C LEU C 285 23.30 -5.00 19.63
N ALA C 286 23.95 -6.14 19.82
CA ALA C 286 25.37 -6.18 20.23
C ALA C 286 26.34 -5.48 19.25
N LYS C 287 25.94 -5.34 17.99
CA LYS C 287 26.79 -4.69 16.97
C LYS C 287 26.63 -3.16 16.90
N ASN C 288 25.63 -2.59 17.58
CA ASN C 288 25.46 -1.14 17.58
C ASN C 288 25.63 -0.52 18.96
N GLY C 289 25.55 0.82 19.02
CA GLY C 289 25.80 1.55 20.25
C GLY C 289 24.91 1.19 21.42
N TYR C 290 23.65 0.84 21.15
CA TYR C 290 22.69 0.57 22.21
C TYR C 290 22.99 -0.76 22.93
N GLY C 291 23.20 -1.83 22.19
CA GLY C 291 23.59 -3.12 22.79
C GLY C 291 24.94 -3.04 23.49
N GLN C 292 25.86 -2.29 22.90
CA GLN C 292 27.18 -2.04 23.50
C GLN C 292 27.04 -1.37 24.87
N TYR C 293 26.19 -0.34 24.92
CA TYR C 293 25.87 0.33 26.18
C TYR C 293 25.33 -0.63 27.22
N LEU C 294 24.36 -1.45 26.84
CA LEU C 294 23.74 -2.39 27.76
C LEU C 294 24.75 -3.40 28.33
N LYS C 295 25.64 -3.89 27.48
CA LYS C 295 26.69 -4.82 27.93
C LYS C 295 27.64 -4.18 28.93
N ARG C 296 28.04 -2.94 28.65
CA ARG C 296 28.92 -2.19 29.56
C ARG C 296 28.28 -1.93 30.93
N LEU C 297 26.95 -1.87 30.99
CA LEU C 297 26.23 -1.72 32.26
C LEU C 297 26.52 -2.86 33.25
N LEU C 298 26.84 -4.05 32.73
CA LEU C 298 27.08 -5.21 33.58
C LEU C 298 28.38 -5.12 34.41
N THR C 299 29.33 -4.29 33.97
CA THR C 299 30.68 -4.29 34.57
C THR C 299 31.17 -2.90 34.98
N GLU C 300 30.28 -1.94 35.07
CA GLU C 300 30.63 -0.61 35.54
C GLU C 300 29.72 -0.20 36.69
N THR C 301 30.29 0.34 37.75
CA THR C 301 29.51 0.97 38.81
C THR C 301 29.20 2.41 38.40
N VAL C 302 27.91 2.74 38.34
CA VAL C 302 27.47 4.09 38.03
C VAL C 302 26.72 4.61 39.23
N TYR C 303 27.19 5.73 39.78
CA TYR C 303 26.63 6.30 41.00
C TYR C 303 25.45 7.23 40.70
N MET D 11 -2.62 3.44 -48.68
CA MET D 11 -1.68 3.96 -47.64
C MET D 11 -1.65 3.03 -46.42
N LYS D 12 -0.78 3.36 -45.48
CA LYS D 12 -0.72 2.67 -44.19
C LYS D 12 -1.86 3.15 -43.29
N ARG D 13 -2.47 2.22 -42.56
CA ARG D 13 -3.42 2.57 -41.52
C ARG D 13 -2.90 2.13 -40.17
N LYS D 14 -2.85 3.08 -39.25
CA LYS D 14 -2.39 2.82 -37.89
C LYS D 14 -3.58 2.71 -36.96
N GLY D 15 -3.40 1.99 -35.87
CA GLY D 15 -4.49 1.73 -34.93
C GLY D 15 -4.26 2.42 -33.59
N ILE D 16 -5.34 2.85 -32.96
CA ILE D 16 -5.33 3.34 -31.60
C ILE D 16 -6.36 2.54 -30.79
N ILE D 17 -5.92 2.06 -29.61
CA ILE D 17 -6.84 1.50 -28.62
C ILE D 17 -6.96 2.50 -27.49
N LEU D 18 -8.14 3.06 -27.30
CA LEU D 18 -8.41 3.94 -26.18
C LEU D 18 -8.92 3.11 -25.01
N ALA D 19 -8.04 2.89 -24.05
CA ALA D 19 -8.36 2.17 -22.82
C ALA D 19 -8.51 3.20 -21.71
N GLY D 20 -9.52 4.04 -21.83
CA GLY D 20 -9.69 5.16 -20.93
C GLY D 20 -10.02 4.81 -19.49
N GLY D 21 -9.75 5.76 -18.61
CA GLY D 21 -10.05 5.59 -17.19
C GLY D 21 -11.55 5.59 -16.97
N SER D 22 -12.03 4.64 -16.18
CA SER D 22 -13.45 4.52 -15.85
C SER D 22 -13.71 5.14 -14.48
N GLY D 23 -12.71 5.86 -13.95
CA GLY D 23 -12.82 6.50 -12.66
C GLY D 23 -13.10 5.48 -11.58
N THR D 24 -14.18 5.69 -10.85
CA THR D 24 -14.54 4.84 -9.71
C THR D 24 -15.74 3.95 -10.01
N ARG D 25 -16.19 3.94 -11.27
CA ARG D 25 -17.46 3.27 -11.63
C ARG D 25 -17.49 1.78 -11.30
N LEU D 26 -16.35 1.09 -11.50
CA LEU D 26 -16.28 -0.35 -11.30
C LEU D 26 -15.60 -0.73 -9.98
N HIS D 27 -15.34 0.25 -9.12
CA HIS D 27 -14.76 -0.01 -7.81
C HIS D 27 -15.72 -0.85 -7.00
N PRO D 28 -15.20 -1.71 -6.10
CA PRO D 28 -13.80 -1.91 -5.78
C PRO D 28 -13.06 -2.91 -6.68
N ALA D 29 -13.75 -3.50 -7.66
CA ALA D 29 -13.12 -4.45 -8.58
C ALA D 29 -11.89 -3.84 -9.23
N THR D 30 -12.01 -2.56 -9.63
CA THR D 30 -10.92 -1.84 -10.30
C THR D 30 -10.03 -1.02 -9.34
N LEU D 31 -10.16 -1.24 -8.05
CA LEU D 31 -9.09 -0.84 -7.13
C LEU D 31 -7.91 -1.81 -7.27
N ALA D 32 -8.22 -3.10 -7.46
CA ALA D 32 -7.21 -4.17 -7.53
C ALA D 32 -6.49 -4.27 -8.89
N ILE D 33 -7.05 -3.65 -9.93
CA ILE D 33 -6.61 -3.91 -11.29
C ILE D 33 -7.16 -2.86 -12.27
N SER D 34 -6.42 -2.63 -13.34
CA SER D 34 -6.91 -1.83 -14.48
C SER D 34 -8.17 -2.43 -15.12
N LYS D 35 -9.16 -1.60 -15.42
CA LYS D 35 -10.41 -2.06 -16.02
C LYS D 35 -10.21 -2.97 -17.22
N GLN D 36 -9.40 -2.53 -18.17
CA GLN D 36 -9.25 -3.23 -19.45
C GLN D 36 -8.25 -4.38 -19.35
N LEU D 37 -7.76 -4.67 -18.14
CA LEU D 37 -7.04 -5.90 -17.86
C LEU D 37 -7.90 -6.94 -17.14
N LEU D 38 -9.14 -6.60 -16.81
CA LEU D 38 -10.07 -7.57 -16.24
C LEU D 38 -10.36 -8.61 -17.31
N PRO D 39 -10.53 -9.87 -16.91
CA PRO D 39 -10.76 -10.92 -17.91
C PRO D 39 -12.18 -10.92 -18.44
N VAL D 40 -12.31 -11.18 -19.73
CA VAL D 40 -13.60 -11.59 -20.28
C VAL D 40 -13.48 -13.08 -20.53
N TYR D 41 -14.05 -13.85 -19.61
CA TYR D 41 -13.92 -15.30 -19.51
C TYR D 41 -12.48 -15.77 -19.26
N ASP D 42 -11.66 -15.85 -20.30
CA ASP D 42 -10.35 -16.50 -20.21
C ASP D 42 -9.16 -15.64 -20.62
N LYS D 43 -9.39 -14.39 -21.00
CA LYS D 43 -8.30 -13.54 -21.44
C LYS D 43 -8.59 -12.09 -21.08
N PRO D 44 -7.54 -11.27 -20.91
CA PRO D 44 -7.75 -9.87 -20.58
C PRO D 44 -8.64 -9.13 -21.61
N MET D 45 -9.51 -8.28 -21.10
CA MET D 45 -10.41 -7.46 -21.92
C MET D 45 -9.71 -6.84 -23.14
N ILE D 46 -8.51 -6.29 -22.96
CA ILE D 46 -7.84 -5.61 -24.07
C ILE D 46 -7.49 -6.52 -25.25
N TYR D 47 -7.36 -7.83 -25.04
CA TYR D 47 -7.15 -8.75 -26.17
C TYR D 47 -8.24 -8.63 -27.23
N TYR D 48 -9.45 -8.25 -26.81
CA TYR D 48 -10.60 -8.23 -27.74
C TYR D 48 -10.51 -7.09 -28.76
N PRO D 49 -10.38 -5.83 -28.30
CA PRO D 49 -10.17 -4.75 -29.29
C PRO D 49 -8.83 -4.85 -30.03
N LEU D 50 -7.80 -5.38 -29.39
CA LEU D 50 -6.52 -5.62 -30.07
C LEU D 50 -6.74 -6.55 -31.25
N SER D 51 -7.47 -7.64 -31.02
CA SER D 51 -7.77 -8.63 -32.07
C SER D 51 -8.58 -8.02 -33.19
N THR D 52 -9.50 -7.12 -32.83
CA THR D 52 -10.26 -6.39 -33.83
C THR D 52 -9.36 -5.59 -34.78
N LEU D 53 -8.40 -4.85 -34.23
CA LEU D 53 -7.47 -4.10 -35.08
C LEU D 53 -6.64 -5.06 -35.94
N MET D 54 -6.19 -6.16 -35.33
CA MET D 54 -5.39 -7.15 -36.02
C MET D 54 -6.16 -7.79 -37.17
N LEU D 55 -7.45 -8.05 -36.94
CA LEU D 55 -8.35 -8.57 -37.99
C LEU D 55 -8.49 -7.61 -39.16
N ALA D 56 -8.42 -6.31 -38.88
CA ALA D 56 -8.46 -5.29 -39.93
C ALA D 56 -7.11 -5.11 -40.64
N GLY D 57 -6.10 -5.87 -40.24
CA GLY D 57 -4.78 -5.87 -40.89
C GLY D 57 -3.84 -4.82 -40.32
N ILE D 58 -4.18 -4.30 -39.15
CA ILE D 58 -3.40 -3.23 -38.53
C ILE D 58 -2.40 -3.84 -37.56
N ARG D 59 -1.12 -3.55 -37.79
CA ARG D 59 -0.01 -4.06 -36.99
C ARG D 59 0.62 -2.99 -36.08
N GLU D 60 0.46 -1.72 -36.46
CA GLU D 60 1.08 -0.60 -35.75
C GLU D 60 0.02 0.07 -34.90
N ILE D 61 0.15 -0.07 -33.58
CA ILE D 61 -0.94 0.23 -32.67
C ILE D 61 -0.46 1.00 -31.42
N LEU D 62 -1.14 2.13 -31.15
CA LEU D 62 -0.91 2.95 -29.96
C LEU D 62 -1.98 2.63 -28.91
N ILE D 63 -1.55 2.22 -27.72
CA ILE D 63 -2.44 1.99 -26.60
C ILE D 63 -2.42 3.22 -25.70
N ILE D 64 -3.57 3.88 -25.58
CA ILE D 64 -3.69 5.07 -24.73
C ILE D 64 -4.50 4.75 -23.48
N SER D 65 -3.94 5.06 -22.31
CA SER D 65 -4.65 4.82 -21.06
C SER D 65 -4.31 5.88 -20.02
N THR D 66 -4.74 5.64 -18.79
CA THR D 66 -4.49 6.55 -17.68
C THR D 66 -3.00 6.55 -17.29
N PRO D 67 -2.56 7.56 -16.53
CA PRO D 67 -1.18 7.52 -16.05
C PRO D 67 -0.86 6.26 -15.24
N GLN D 68 -1.83 5.74 -14.51
CA GLN D 68 -1.64 4.57 -13.64
CA GLN D 68 -1.59 4.58 -13.65
C GLN D 68 -1.70 3.25 -14.39
N ASP D 69 -2.56 3.18 -15.41
CA ASP D 69 -2.77 1.93 -16.13
C ASP D 69 -1.86 1.73 -17.35
N THR D 70 -1.43 2.82 -18.00
CA THR D 70 -0.59 2.68 -19.18
C THR D 70 0.64 1.80 -18.94
N PRO D 71 1.35 2.00 -17.80
CA PRO D 71 2.50 1.14 -17.52
C PRO D 71 2.14 -0.33 -17.34
N ARG D 72 0.94 -0.61 -16.83
CA ARG D 72 0.48 -1.98 -16.65
C ARG D 72 0.23 -2.67 -18.00
N PHE D 73 -0.33 -1.96 -18.96
CA PHE D 73 -0.47 -2.46 -20.34
C PHE D 73 0.89 -2.74 -20.96
N GLN D 74 1.83 -1.81 -20.75
CA GLN D 74 3.18 -1.98 -21.25
C GLN D 74 3.87 -3.17 -20.60
N GLN D 75 3.69 -3.36 -19.30
CA GLN D 75 4.27 -4.51 -18.59
C GLN D 75 3.70 -5.83 -19.13
N LEU D 76 2.42 -5.83 -19.50
CA LEU D 76 1.77 -7.02 -20.06
C LEU D 76 2.22 -7.30 -21.50
N LEU D 77 2.01 -6.33 -22.38
CA LEU D 77 2.13 -6.52 -23.82
C LEU D 77 3.49 -6.13 -24.42
N GLY D 78 4.25 -5.29 -23.72
CA GLY D 78 5.54 -4.84 -24.25
C GLY D 78 5.42 -4.16 -25.60
N ASP D 79 6.43 -4.33 -26.45
CA ASP D 79 6.41 -3.71 -27.78
C ASP D 79 5.65 -4.51 -28.84
N GLY D 80 5.10 -5.67 -28.47
CA GLY D 80 4.30 -6.48 -29.41
C GLY D 80 5.07 -7.34 -30.40
N SER D 81 6.40 -7.24 -30.35
CA SER D 81 7.27 -7.98 -31.26
C SER D 81 7.02 -9.49 -31.23
N ASN D 82 6.74 -10.03 -30.05
CA ASN D 82 6.45 -11.46 -29.92
C ASN D 82 5.25 -11.91 -30.77
N TRP D 83 4.35 -10.99 -31.09
CA TRP D 83 3.18 -11.29 -31.94
C TRP D 83 3.21 -10.63 -33.29
N GLY D 84 4.39 -10.21 -33.73
CA GLY D 84 4.50 -9.53 -35.03
C GLY D 84 3.88 -8.14 -35.10
N LEU D 85 3.71 -7.50 -33.93
CA LEU D 85 3.13 -6.16 -33.84
C LEU D 85 4.17 -5.11 -33.49
N ASP D 86 3.78 -3.86 -33.67
CA ASP D 86 4.57 -2.70 -33.30
C ASP D 86 3.70 -1.85 -32.38
N LEU D 87 3.80 -2.10 -31.06
CA LEU D 87 2.96 -1.42 -30.08
C LEU D 87 3.68 -0.23 -29.44
N GLN D 88 2.96 0.86 -29.28
CA GLN D 88 3.45 2.05 -28.58
C GLN D 88 2.43 2.46 -27.53
N TYR D 89 2.84 3.31 -26.60
CA TYR D 89 2.00 3.71 -25.47
C TYR D 89 1.98 5.20 -25.27
N ALA D 90 0.81 5.72 -24.91
CA ALA D 90 0.66 7.11 -24.52
C ALA D 90 -0.36 7.26 -23.40
N VAL D 91 -0.27 8.39 -22.69
CA VAL D 91 -1.10 8.65 -21.54
C VAL D 91 -2.15 9.71 -21.83
N GLN D 92 -3.38 9.48 -21.36
CA GLN D 92 -4.41 10.50 -21.30
C GLN D 92 -4.51 10.94 -19.83
N PRO D 93 -3.99 12.14 -19.49
CA PRO D 93 -3.98 12.61 -18.10
C PRO D 93 -5.34 12.64 -17.39
N SER D 94 -6.37 13.05 -18.12
CA SER D 94 -7.72 13.16 -17.56
C SER D 94 -8.74 12.63 -18.56
N PRO D 95 -9.80 11.96 -18.07
CA PRO D 95 -10.85 11.50 -19.00
C PRO D 95 -11.68 12.66 -19.54
N ASP D 96 -11.10 13.42 -20.47
CA ASP D 96 -11.74 14.63 -21.00
C ASP D 96 -12.24 14.45 -22.44
N GLY D 97 -12.65 13.23 -22.77
CA GLY D 97 -13.25 12.94 -24.07
C GLY D 97 -12.45 11.97 -24.90
N LEU D 98 -13.17 11.14 -25.65
CA LEU D 98 -12.54 10.15 -26.53
C LEU D 98 -11.78 10.81 -27.68
N ALA D 99 -12.20 12.02 -28.07
CA ALA D 99 -11.57 12.76 -29.17
C ALA D 99 -10.15 13.25 -28.85
N GLN D 100 -9.81 13.29 -27.56
CA GLN D 100 -8.43 13.59 -27.16
C GLN D 100 -7.45 12.57 -27.69
N ALA D 101 -7.93 11.37 -28.03
CA ALA D 101 -7.06 10.33 -28.58
C ALA D 101 -6.26 10.84 -29.79
N PHE D 102 -6.90 11.67 -30.61
CA PHE D 102 -6.27 12.16 -31.84
C PHE D 102 -5.22 13.24 -31.55
N LEU D 103 -5.42 14.00 -30.49
CA LEU D 103 -4.45 15.02 -30.06
C LEU D 103 -3.27 14.36 -29.36
N ILE D 104 -3.57 13.49 -28.40
CA ILE D 104 -2.56 12.68 -27.74
C ILE D 104 -1.80 11.81 -28.74
N GLY D 105 -2.51 11.28 -29.73
CA GLY D 105 -1.89 10.43 -30.74
C GLY D 105 -1.45 11.13 -32.03
N GLU D 106 -1.41 12.46 -32.04
CA GLU D 106 -1.05 13.22 -33.24
C GLU D 106 0.30 12.80 -33.84
N SER D 107 1.35 12.78 -33.02
CA SER D 107 2.66 12.41 -33.53
C SER D 107 2.67 10.95 -34.03
N PHE D 108 1.97 10.08 -33.32
CA PHE D 108 1.87 8.66 -33.70
C PHE D 108 1.22 8.51 -35.09
N ILE D 109 0.10 9.17 -35.28
CA ILE D 109 -0.66 9.11 -36.54
C ILE D 109 0.14 9.65 -37.72
N GLY D 110 0.81 10.78 -37.51
CA GLY D 110 1.62 11.39 -38.57
C GLY D 110 0.73 11.79 -39.73
N ASN D 111 1.12 11.43 -40.95
CA ASN D 111 0.33 11.71 -42.14
C ASN D 111 -0.35 10.43 -42.68
N ASP D 112 -0.62 9.48 -41.79
CA ASP D 112 -1.22 8.19 -42.19
C ASP D 112 -2.69 8.09 -41.86
N LEU D 113 -3.35 7.10 -42.44
CA LEU D 113 -4.74 6.77 -42.11
C LEU D 113 -4.76 6.17 -40.71
N SER D 114 -5.92 6.19 -40.07
CA SER D 114 -6.03 5.63 -38.72
C SER D 114 -7.35 4.92 -38.45
N ALA D 115 -7.36 4.16 -37.37
CA ALA D 115 -8.56 3.51 -36.88
C ALA D 115 -8.48 3.62 -35.36
N LEU D 116 -9.62 3.89 -34.73
CA LEU D 116 -9.72 3.98 -33.29
C LEU D 116 -10.69 2.91 -32.83
N VAL D 117 -10.33 2.19 -31.76
CA VAL D 117 -11.23 1.23 -31.13
C VAL D 117 -11.26 1.47 -29.62
N LEU D 118 -12.44 1.35 -29.03
CA LEU D 118 -12.59 1.53 -27.59
C LEU D 118 -12.19 0.26 -26.88
N GLY D 119 -11.56 0.43 -25.72
CA GLY D 119 -10.89 -0.67 -25.04
C GLY D 119 -11.79 -1.73 -24.43
N ASP D 120 -13.09 -1.41 -24.29
CA ASP D 120 -14.03 -2.30 -23.64
C ASP D 120 -15.10 -2.80 -24.59
N ASN D 121 -14.79 -2.75 -25.89
CA ASN D 121 -15.70 -3.22 -26.92
C ASN D 121 -15.26 -4.57 -27.48
N LEU D 122 -16.24 -5.46 -27.64
CA LEU D 122 -16.04 -6.82 -28.12
C LEU D 122 -16.93 -6.98 -29.36
N TYR D 123 -16.37 -7.56 -30.42
CA TYR D 123 -17.11 -7.83 -31.66
C TYR D 123 -17.02 -9.31 -31.99
N TYR D 124 -18.15 -9.90 -32.42
CA TYR D 124 -18.16 -11.30 -32.90
C TYR D 124 -19.13 -11.45 -34.09
N GLY D 125 -18.66 -12.08 -35.17
CA GLY D 125 -19.55 -12.57 -36.21
C GLY D 125 -18.88 -12.98 -37.51
N HIS D 126 -19.68 -13.52 -38.43
CA HIS D 126 -19.15 -14.08 -39.68
C HIS D 126 -18.88 -12.99 -40.69
N ASP D 127 -17.75 -13.09 -41.37
CA ASP D 127 -17.31 -12.11 -42.37
C ASP D 127 -16.96 -10.74 -41.77
N PHE D 128 -16.65 -10.72 -40.48
CA PHE D 128 -16.22 -9.49 -39.79
C PHE D 128 -14.98 -8.96 -40.49
N HIS D 129 -14.08 -9.87 -40.87
CA HIS D 129 -12.87 -9.55 -41.66
C HIS D 129 -13.19 -8.70 -42.86
N GLU D 130 -14.22 -9.08 -43.60
CA GLU D 130 -14.67 -8.37 -44.81
C GLU D 130 -15.31 -7.02 -44.50
N LEU D 131 -16.08 -6.96 -43.41
CA LEU D 131 -16.68 -5.71 -42.96
C LEU D 131 -15.59 -4.67 -42.63
N LEU D 132 -14.52 -5.13 -42.00
CA LEU D 132 -13.39 -4.26 -41.66
C LEU D 132 -12.59 -3.90 -42.91
N GLY D 133 -12.52 -4.83 -43.86
CA GLY D 133 -11.80 -4.62 -45.12
C GLY D 133 -12.29 -3.45 -45.94
N SER D 134 -13.59 -3.39 -46.20
CA SER D 134 -14.16 -2.29 -46.99
C SER D 134 -14.00 -0.93 -46.33
N ALA D 135 -14.15 -0.89 -45.00
CA ALA D 135 -13.89 0.34 -44.24
C ALA D 135 -12.42 0.72 -44.35
N SER D 136 -11.55 -0.29 -44.31
CA SER D 136 -10.11 -0.05 -44.34
C SER D 136 -9.65 0.47 -45.70
N GLN D 137 -10.29 0.01 -46.78
CA GLN D 137 -9.88 0.37 -48.14
C GLN D 137 -10.28 1.80 -48.55
N ARG D 138 -11.28 2.39 -47.90
CA ARG D 138 -11.64 3.79 -48.16
C ARG D 138 -10.56 4.72 -47.64
N GLN D 139 -9.88 5.40 -48.54
CA GLN D 139 -8.73 6.24 -48.17
C GLN D 139 -9.07 7.72 -48.09
N THR D 140 -10.37 8.03 -48.16
CA THR D 140 -10.87 9.37 -47.93
C THR D 140 -12.07 9.30 -46.99
N GLY D 141 -12.21 10.31 -46.16
CA GLY D 141 -13.32 10.39 -45.23
C GLY D 141 -13.18 9.43 -44.08
N ALA D 142 -14.31 9.07 -43.48
CA ALA D 142 -14.36 8.28 -42.26
C ALA D 142 -15.45 7.22 -42.39
N SER D 143 -15.23 6.10 -41.72
CA SER D 143 -16.19 5.00 -41.69
C SER D 143 -16.53 4.61 -40.25
N VAL D 144 -17.83 4.49 -39.99
CA VAL D 144 -18.32 3.97 -38.71
C VAL D 144 -19.39 2.91 -38.98
N PHE D 145 -19.79 2.22 -37.93
CA PHE D 145 -20.77 1.16 -38.03
C PHE D 145 -21.93 1.45 -37.10
N ALA D 146 -23.15 1.19 -37.58
CA ALA D 146 -24.36 1.39 -36.79
C ALA D 146 -24.95 0.03 -36.45
N TYR D 147 -25.49 -0.09 -35.25
CA TYR D 147 -25.95 -1.38 -34.73
C TYR D 147 -27.21 -1.14 -33.94
N HIS D 148 -28.23 -1.95 -34.21
CA HIS D 148 -29.51 -1.79 -33.55
C HIS D 148 -29.38 -2.18 -32.11
N VAL D 149 -29.79 -1.31 -31.20
CA VAL D 149 -29.68 -1.63 -29.77
C VAL D 149 -30.98 -1.32 -29.04
N LEU D 150 -31.09 -1.88 -27.84
CA LEU D 150 -32.25 -1.66 -26.97
C LEU D 150 -32.22 -0.30 -26.28
N ASP D 151 -31.02 0.19 -25.95
CA ASP D 151 -30.86 1.42 -25.16
C ASP D 151 -30.01 2.47 -25.89
N PRO D 152 -30.53 3.04 -26.98
CA PRO D 152 -29.73 3.95 -27.81
C PRO D 152 -29.26 5.21 -27.07
N GLU D 153 -30.02 5.63 -26.07
CA GLU D 153 -29.67 6.80 -25.23
C GLU D 153 -28.31 6.73 -24.52
N ARG D 154 -27.69 5.55 -24.46
CA ARG D 154 -26.34 5.40 -23.88
C ARG D 154 -25.21 5.77 -24.84
N TYR D 155 -25.53 5.91 -26.13
CA TYR D 155 -24.52 6.01 -27.18
C TYR D 155 -24.68 7.21 -28.10
N GLY D 156 -23.74 7.32 -29.04
CA GLY D 156 -23.93 8.14 -30.22
C GLY D 156 -24.99 7.48 -31.08
N VAL D 157 -26.05 8.22 -31.40
CA VAL D 157 -27.18 7.69 -32.14
C VAL D 157 -27.20 8.27 -33.54
N VAL D 158 -27.35 7.40 -34.55
CA VAL D 158 -27.40 7.84 -35.94
C VAL D 158 -28.84 7.78 -36.46
N GLU D 159 -29.28 8.87 -37.08
CA GLU D 159 -30.60 8.94 -37.72
C GLU D 159 -30.44 8.80 -39.22
N PHE D 160 -31.26 7.92 -39.82
CA PHE D 160 -31.31 7.74 -41.27
C PHE D 160 -32.62 8.30 -41.81
N ASP D 161 -32.58 8.85 -43.02
CA ASP D 161 -33.82 9.29 -43.68
C ASP D 161 -34.53 8.10 -44.33
N GLN D 162 -35.64 8.36 -45.00
CA GLN D 162 -36.44 7.30 -45.61
C GLN D 162 -35.66 6.48 -46.65
N GLY D 163 -34.66 7.08 -47.27
CA GLY D 163 -33.80 6.39 -48.24
C GLY D 163 -32.64 5.63 -47.62
N GLY D 164 -32.46 5.76 -46.31
CA GLY D 164 -31.41 5.06 -45.59
C GLY D 164 -30.09 5.82 -45.48
N LYS D 165 -30.13 7.13 -45.74
CA LYS D 165 -28.92 7.96 -45.65
C LYS D 165 -28.80 8.51 -44.23
N ALA D 166 -27.59 8.44 -43.67
CA ALA D 166 -27.32 9.06 -42.37
C ALA D 166 -27.50 10.56 -42.46
N ILE D 167 -28.37 11.13 -41.64
CA ILE D 167 -28.66 12.57 -41.65
C ILE D 167 -28.31 13.32 -40.36
N SER D 168 -28.20 12.61 -39.23
CA SER D 168 -27.77 13.26 -37.99
C SER D 168 -27.15 12.30 -36.97
N LEU D 169 -26.33 12.89 -36.09
CA LEU D 169 -25.66 12.17 -35.01
C LEU D 169 -25.84 12.95 -33.71
N GLU D 170 -26.28 12.24 -32.66
CA GLU D 170 -26.44 12.83 -31.35
C GLU D 170 -25.84 11.93 -30.28
N GLU D 171 -25.06 12.54 -29.39
CA GLU D 171 -24.37 11.82 -28.32
C GLU D 171 -25.31 11.71 -27.11
N LYS D 172 -25.67 10.49 -26.74
CA LYS D 172 -26.50 10.22 -25.57
C LYS D 172 -27.74 11.13 -25.48
N PRO D 173 -28.61 11.06 -26.50
CA PRO D 173 -29.80 11.91 -26.53
C PRO D 173 -30.86 11.46 -25.52
N LEU D 174 -31.50 12.41 -24.86
CA LEU D 174 -32.63 12.11 -23.98
C LEU D 174 -33.79 11.52 -24.80
N GLU D 175 -33.90 11.94 -26.06
CA GLU D 175 -34.96 11.47 -26.95
C GLU D 175 -34.39 10.98 -28.28
N PRO D 176 -33.86 9.73 -28.29
CA PRO D 176 -33.20 9.19 -29.48
C PRO D 176 -34.10 9.20 -30.73
N LYS D 177 -33.52 9.54 -31.87
CA LYS D 177 -34.24 9.57 -33.14
C LYS D 177 -34.27 8.22 -33.86
N SER D 178 -33.48 7.26 -33.36
CA SER D 178 -33.52 5.88 -33.85
C SER D 178 -32.98 4.94 -32.78
N ASN D 179 -32.99 3.65 -33.09
CA ASN D 179 -32.36 2.64 -32.24
C ASN D 179 -30.99 2.20 -32.77
N TYR D 180 -30.40 2.99 -33.68
CA TYR D 180 -29.06 2.66 -34.22
C TYR D 180 -27.95 3.40 -33.51
N ALA D 181 -27.13 2.63 -32.80
CA ALA D 181 -25.96 3.15 -32.11
C ALA D 181 -24.70 3.05 -32.94
N VAL D 182 -23.84 4.06 -32.86
CA VAL D 182 -22.52 3.98 -33.46
C VAL D 182 -21.61 3.14 -32.57
N THR D 183 -21.03 2.08 -33.11
CA THR D 183 -20.21 1.16 -32.32
C THR D 183 -18.84 1.79 -32.03
N GLY D 184 -18.05 1.17 -31.17
CA GLY D 184 -16.78 1.77 -30.74
C GLY D 184 -15.62 1.42 -31.65
N LEU D 185 -15.84 1.54 -32.95
CA LEU D 185 -14.82 1.23 -33.94
C LEU D 185 -14.93 2.25 -35.05
N TYR D 186 -13.86 3.01 -35.26
CA TYR D 186 -13.90 4.17 -36.14
C TYR D 186 -12.69 4.19 -37.07
N PHE D 187 -12.93 4.49 -38.34
CA PHE D 187 -11.85 4.55 -39.34
C PHE D 187 -11.78 5.97 -39.88
N TYR D 188 -10.56 6.50 -39.93
CA TYR D 188 -10.32 7.92 -40.30
C TYR D 188 -9.23 8.10 -41.35
N ASP D 189 -9.40 9.12 -42.19
CA ASP D 189 -8.35 9.53 -43.11
C ASP D 189 -7.43 10.55 -42.43
N GLN D 190 -6.65 11.29 -43.23
CA GLN D 190 -5.63 12.20 -42.69
C GLN D 190 -6.19 13.54 -42.20
N GLN D 191 -7.51 13.72 -42.27
CA GLN D 191 -8.14 14.96 -41.79
C GLN D 191 -8.41 14.98 -40.28
N VAL D 192 -8.44 13.80 -39.64
CA VAL D 192 -9.02 13.68 -38.29
C VAL D 192 -8.30 14.47 -37.21
N VAL D 193 -6.97 14.56 -37.29
CA VAL D 193 -6.21 15.31 -36.30
C VAL D 193 -6.62 16.78 -36.33
N ASP D 194 -6.60 17.38 -37.50
CA ASP D 194 -6.96 18.80 -37.65
C ASP D 194 -8.42 19.05 -37.30
N ILE D 195 -9.31 18.08 -37.55
CA ILE D 195 -10.70 18.20 -37.12
C ILE D 195 -10.78 18.23 -35.59
N ALA D 196 -10.07 17.31 -34.95
CA ALA D 196 -10.00 17.22 -33.49
C ALA D 196 -9.39 18.48 -32.86
N ARG D 197 -8.41 19.06 -33.55
CA ARG D 197 -7.71 20.27 -33.08
C ARG D 197 -8.64 21.47 -33.00
N ASP D 198 -9.59 21.56 -33.91
CA ASP D 198 -10.51 22.69 -33.99
C ASP D 198 -11.84 22.44 -33.28
N LEU D 199 -11.97 21.30 -32.60
CA LEU D 199 -13.15 21.02 -31.79
C LEU D 199 -13.11 21.84 -30.51
N LYS D 200 -14.28 22.33 -30.11
CA LYS D 200 -14.46 22.94 -28.80
C LYS D 200 -14.99 21.88 -27.83
N PRO D 201 -14.68 22.00 -26.53
CA PRO D 201 -15.32 21.12 -25.56
C PRO D 201 -16.84 21.32 -25.52
N SER D 202 -17.57 20.22 -25.37
CA SER D 202 -19.04 20.24 -25.35
C SER D 202 -19.54 20.76 -23.99
N PRO D 203 -20.87 20.96 -23.85
CA PRO D 203 -21.45 21.24 -22.53
C PRO D 203 -21.12 20.20 -21.45
N ARG D 204 -20.82 18.97 -21.86
CA ARG D 204 -20.34 17.94 -20.94
C ARG D 204 -18.88 18.16 -20.51
N GLY D 205 -18.18 19.06 -21.20
CA GLY D 205 -16.78 19.36 -20.92
C GLY D 205 -15.83 18.31 -21.50
N GLU D 206 -16.26 17.67 -22.59
CA GLU D 206 -15.47 16.64 -23.26
C GLU D 206 -15.22 17.00 -24.72
N LEU D 207 -14.08 16.55 -25.24
CA LEU D 207 -13.84 16.53 -26.68
C LEU D 207 -14.52 15.26 -27.18
N GLU D 208 -15.67 15.43 -27.84
CA GLU D 208 -16.57 14.33 -28.17
C GLU D 208 -16.19 13.65 -29.47
N ILE D 209 -16.17 12.33 -29.48
CA ILE D 209 -15.93 11.55 -30.70
C ILE D 209 -17.11 11.69 -31.68
N THR D 210 -18.32 11.85 -31.15
CA THR D 210 -19.49 12.15 -31.98
C THR D 210 -19.35 13.49 -32.70
N ASP D 211 -18.71 14.47 -32.05
CA ASP D 211 -18.43 15.75 -32.70
C ASP D 211 -17.46 15.59 -33.86
N VAL D 212 -16.49 14.69 -33.75
CA VAL D 212 -15.58 14.39 -34.85
C VAL D 212 -16.35 13.74 -36.00
N ASN D 213 -17.23 12.80 -35.67
CA ASN D 213 -18.00 12.08 -36.68
C ASN D 213 -19.01 13.00 -37.35
N ARG D 214 -19.58 13.95 -36.59
CA ARG D 214 -20.50 14.94 -37.15
C ARG D 214 -19.78 15.89 -38.10
N ALA D 215 -18.50 16.17 -37.84
CA ALA D 215 -17.71 17.01 -38.73
C ALA D 215 -17.51 16.36 -40.10
N TYR D 216 -17.30 15.03 -40.13
CA TYR D 216 -17.21 14.28 -41.39
C TYR D 216 -18.57 14.16 -42.08
N LEU D 217 -19.62 13.94 -41.30
CA LEU D 217 -20.99 13.85 -41.83
C LEU D 217 -21.39 15.13 -42.55
N GLU D 218 -21.16 16.26 -41.90
CA GLU D 218 -21.43 17.59 -42.48
C GLU D 218 -20.65 17.85 -43.77
N ARG D 219 -19.45 17.30 -43.87
CA ARG D 219 -18.64 17.35 -45.10
C ARG D 219 -19.07 16.32 -46.13
N GLY D 220 -20.10 15.53 -45.83
CA GLY D 220 -20.53 14.43 -46.68
C GLY D 220 -19.51 13.33 -46.88
N GLN D 221 -18.63 13.14 -45.89
CA GLN D 221 -17.53 12.18 -46.01
C GLN D 221 -17.56 11.09 -44.92
N LEU D 222 -18.71 10.90 -44.30
CA LEU D 222 -18.91 9.80 -43.34
C LEU D 222 -19.69 8.63 -43.95
N SER D 223 -19.07 7.46 -44.01
CA SER D 223 -19.76 6.23 -44.36
C SER D 223 -20.30 5.62 -43.07
N VAL D 224 -21.60 5.35 -43.03
CA VAL D 224 -22.22 4.65 -41.92
C VAL D 224 -22.72 3.32 -42.45
N GLU D 225 -21.98 2.24 -42.18
CA GLU D 225 -22.37 0.90 -42.61
C GLU D 225 -23.15 0.22 -41.50
N ILE D 226 -24.18 -0.54 -41.85
CA ILE D 226 -24.93 -1.27 -40.86
C ILE D 226 -24.17 -2.52 -40.44
N MET D 227 -24.00 -2.70 -39.14
CA MET D 227 -23.53 -3.97 -38.59
C MET D 227 -24.79 -4.74 -38.27
N GLY D 228 -25.04 -5.81 -39.01
CA GLY D 228 -26.32 -6.51 -38.90
C GLY D 228 -26.56 -7.26 -37.60
N ARG D 229 -27.79 -7.70 -37.41
CA ARG D 229 -28.21 -8.42 -36.20
C ARG D 229 -27.48 -9.76 -35.97
N GLY D 230 -26.88 -10.30 -37.01
CA GLY D 230 -26.13 -11.54 -36.95
C GLY D 230 -24.73 -11.38 -36.39
N TYR D 231 -24.34 -10.14 -36.12
CA TYR D 231 -23.11 -9.85 -35.36
C TYR D 231 -23.46 -9.57 -33.93
N ALA D 232 -22.58 -9.99 -33.01
CA ALA D 232 -22.64 -9.54 -31.63
C ALA D 232 -21.66 -8.38 -31.43
N TRP D 233 -22.18 -7.22 -31.03
CA TRP D 233 -21.35 -6.13 -30.50
C TRP D 233 -21.70 -5.94 -29.05
N LEU D 234 -20.74 -6.22 -28.17
CA LEU D 234 -20.97 -6.11 -26.72
C LEU D 234 -19.97 -5.12 -26.13
N ASP D 235 -20.35 -4.46 -25.04
CA ASP D 235 -19.36 -3.69 -24.29
C ASP D 235 -19.38 -4.14 -22.85
N THR D 236 -18.24 -3.97 -22.17
CA THR D 236 -18.02 -4.57 -20.87
C THR D 236 -17.70 -3.48 -19.86
N GLY D 237 -18.52 -2.43 -19.86
CA GLY D 237 -18.29 -1.25 -19.04
C GLY D 237 -18.96 -1.26 -17.69
N THR D 238 -19.81 -2.27 -17.43
CA THR D 238 -20.40 -2.49 -16.12
C THR D 238 -20.14 -3.91 -15.64
N HIS D 239 -20.36 -4.14 -14.35
CA HIS D 239 -20.21 -5.48 -13.77
C HIS D 239 -21.13 -6.47 -14.43
N ASP D 240 -22.37 -6.04 -14.68
CA ASP D 240 -23.35 -6.89 -15.35
C ASP D 240 -22.93 -7.23 -16.78
N SER D 241 -22.49 -6.22 -17.54
CA SER D 241 -22.18 -6.43 -18.95
C SER D 241 -20.91 -7.26 -19.11
N LEU D 242 -19.99 -7.11 -18.18
CA LEU D 242 -18.74 -7.88 -18.20
C LEU D 242 -19.06 -9.37 -17.98
N LEU D 243 -19.93 -9.63 -17.03
CA LEU D 243 -20.35 -10.99 -16.74
C LEU D 243 -21.07 -11.61 -17.94
N GLU D 244 -22.01 -10.88 -18.53
CA GLU D 244 -22.73 -11.35 -19.73
C GLU D 244 -21.77 -11.67 -20.88
N ALA D 245 -20.80 -10.78 -21.11
CA ALA D 245 -19.81 -11.00 -22.17
C ALA D 245 -18.99 -12.25 -21.90
N GLY D 246 -18.55 -12.43 -20.66
CA GLY D 246 -17.86 -13.64 -20.23
C GLY D 246 -18.61 -14.94 -20.57
N GLN D 247 -19.90 -15.01 -20.24
CA GLN D 247 -20.70 -16.21 -20.51
CA GLN D 247 -20.70 -16.23 -20.51
C GLN D 247 -20.89 -16.41 -22.01
N PHE D 248 -21.03 -15.31 -22.73
CA PHE D 248 -21.20 -15.35 -24.18
C PHE D 248 -19.96 -15.98 -24.84
N ILE D 249 -18.78 -15.46 -24.50
CA ILE D 249 -17.54 -16.02 -25.00
C ILE D 249 -17.35 -17.47 -24.56
N ALA D 250 -17.61 -17.77 -23.28
CA ALA D 250 -17.47 -19.14 -22.76
C ALA D 250 -18.33 -20.15 -23.53
N THR D 251 -19.58 -19.77 -23.82
CA THR D 251 -20.50 -20.63 -24.58
C THR D 251 -19.94 -20.91 -26.00
N LEU D 252 -19.47 -19.87 -26.68
CA LEU D 252 -18.87 -20.04 -28.02
C LEU D 252 -17.61 -20.91 -27.99
N GLU D 253 -16.67 -20.59 -27.10
CA GLU D 253 -15.40 -21.32 -27.06
C GLU D 253 -15.59 -22.78 -26.64
N ASN D 254 -16.47 -23.02 -25.68
CA ASN D 254 -16.67 -24.39 -25.21
C ASN D 254 -17.45 -25.23 -26.21
N ARG D 255 -18.27 -24.58 -27.04
CA ARG D 255 -18.99 -25.29 -28.10
C ARG D 255 -18.03 -25.70 -29.21
N GLN D 256 -17.24 -24.72 -29.65
CA GLN D 256 -16.43 -24.84 -30.85
C GLN D 256 -15.07 -25.51 -30.65
N GLY D 257 -14.50 -25.35 -29.46
CA GLY D 257 -13.09 -25.67 -29.23
C GLY D 257 -12.17 -24.74 -30.01
N LEU D 258 -12.67 -23.54 -30.31
CA LEU D 258 -11.88 -22.48 -30.95
C LEU D 258 -12.03 -21.24 -30.08
N LYS D 259 -10.99 -20.41 -30.01
CA LYS D 259 -11.02 -19.24 -29.16
C LYS D 259 -11.44 -18.02 -29.93
N VAL D 260 -12.10 -17.09 -29.23
CA VAL D 260 -12.40 -15.77 -29.77
C VAL D 260 -11.34 -14.77 -29.31
N ALA D 261 -10.76 -14.02 -30.25
CA ALA D 261 -9.80 -12.95 -29.94
C ALA D 261 -8.52 -13.47 -29.26
N CYS D 262 -7.94 -14.50 -29.85
CA CYS D 262 -6.63 -15.01 -29.46
C CYS D 262 -5.58 -14.35 -30.36
N PRO D 263 -4.86 -13.32 -29.84
CA PRO D 263 -3.96 -12.57 -30.72
C PRO D 263 -2.88 -13.42 -31.38
N GLU D 264 -2.37 -14.40 -30.66
CA GLU D 264 -1.33 -15.31 -31.19
C GLU D 264 -1.87 -16.06 -32.41
N GLU D 265 -3.13 -16.47 -32.33
CA GLU D 265 -3.75 -17.17 -33.45
C GLU D 265 -3.90 -16.23 -34.66
N ILE D 266 -4.41 -15.04 -34.42
CA ILE D 266 -4.64 -14.08 -35.50
C ILE D 266 -3.33 -13.66 -36.16
N ALA D 267 -2.27 -13.45 -35.37
CA ALA D 267 -0.95 -13.13 -35.92
C ALA D 267 -0.43 -14.26 -36.80
N TYR D 268 -0.60 -15.50 -36.34
CA TYR D 268 -0.16 -16.68 -37.07
C TYR D 268 -0.91 -16.81 -38.40
N ARG D 269 -2.24 -16.66 -38.36
CA ARG D 269 -3.05 -16.74 -39.57
C ARG D 269 -2.82 -15.57 -40.53
N GLN D 270 -2.41 -14.42 -40.01
CA GLN D 270 -2.03 -13.27 -40.85
C GLN D 270 -0.59 -13.39 -41.40
N LYS D 271 0.15 -14.40 -40.93
CA LYS D 271 1.55 -14.63 -41.33
C LYS D 271 2.49 -13.57 -40.73
N TRP D 272 2.10 -12.96 -39.61
CA TRP D 272 2.96 -12.00 -38.91
C TRP D 272 3.92 -12.68 -37.97
N ILE D 273 3.57 -13.87 -37.54
CA ILE D 273 4.50 -14.79 -36.87
C ILE D 273 4.44 -16.13 -37.59
N ASP D 274 5.54 -16.89 -37.53
CA ASP D 274 5.58 -18.21 -38.17
C ASP D 274 5.41 -19.34 -37.15
N ALA D 275 5.38 -20.58 -37.65
CA ALA D 275 5.15 -21.76 -36.82
C ALA D 275 6.19 -21.89 -35.73
N ALA D 276 7.44 -21.55 -36.03
CA ALA D 276 8.51 -21.62 -35.04
C ALA D 276 8.23 -20.68 -33.85
N GLN D 277 7.74 -19.48 -34.15
CA GLN D 277 7.43 -18.51 -33.10
C GLN D 277 6.21 -18.93 -32.29
N LEU D 278 5.14 -19.34 -32.97
CA LEU D 278 3.93 -19.82 -32.30
C LEU D 278 4.24 -20.97 -31.35
N GLU D 279 5.14 -21.86 -31.78
CA GLU D 279 5.61 -22.94 -30.92
C GLU D 279 6.29 -22.36 -29.66
N LYS D 280 7.10 -21.32 -29.84
CA LYS D 280 7.81 -20.66 -28.74
C LYS D 280 6.86 -19.95 -27.78
N LEU D 281 5.81 -19.34 -28.33
CA LEU D 281 4.77 -18.70 -27.51
C LEU D 281 3.97 -19.74 -26.73
N ALA D 282 3.75 -20.91 -27.33
CA ALA D 282 3.01 -21.98 -26.66
C ALA D 282 3.75 -22.53 -25.43
N ALA D 283 5.07 -22.66 -25.54
CA ALA D 283 5.91 -23.29 -24.51
C ALA D 283 5.59 -22.91 -23.05
N PRO D 284 5.71 -21.61 -22.69
CA PRO D 284 5.45 -21.26 -21.29
C PRO D 284 3.99 -21.42 -20.82
N LEU D 285 3.05 -21.51 -21.77
CA LEU D 285 1.64 -21.71 -21.47
C LEU D 285 1.22 -23.18 -21.62
N ALA D 286 2.19 -24.07 -21.77
CA ALA D 286 1.92 -25.47 -22.13
C ALA D 286 1.15 -26.28 -21.08
N LYS D 287 1.20 -25.86 -19.82
CA LYS D 287 0.50 -26.57 -18.73
C LYS D 287 -0.90 -26.02 -18.44
N ASN D 288 -1.46 -25.24 -19.36
CA ASN D 288 -2.87 -24.85 -19.32
C ASN D 288 -3.51 -24.96 -20.71
N GLY D 289 -4.83 -24.86 -20.76
CA GLY D 289 -5.58 -24.99 -22.00
C GLY D 289 -5.21 -24.02 -23.12
N TYR D 290 -4.73 -22.84 -22.76
CA TYR D 290 -4.41 -21.81 -23.75
C TYR D 290 -3.17 -22.18 -24.56
N GLY D 291 -2.09 -22.55 -23.89
CA GLY D 291 -0.88 -23.03 -24.57
C GLY D 291 -1.10 -24.33 -25.32
N GLN D 292 -1.94 -25.20 -24.76
CA GLN D 292 -2.36 -26.43 -25.45
C GLN D 292 -3.13 -26.07 -26.74
N TYR D 293 -3.95 -25.02 -26.68
CA TYR D 293 -4.65 -24.53 -27.87
C TYR D 293 -3.68 -24.02 -28.93
N LEU D 294 -2.72 -23.21 -28.51
CA LEU D 294 -1.69 -22.69 -29.44
C LEU D 294 -0.91 -23.83 -30.12
N LYS D 295 -0.59 -24.85 -29.35
CA LYS D 295 0.11 -26.02 -29.88
C LYS D 295 -0.76 -26.75 -30.92
N ARG D 296 -2.04 -26.95 -30.59
CA ARG D 296 -2.96 -27.59 -31.53
C ARG D 296 -3.05 -26.82 -32.86
N LEU D 297 -2.94 -25.48 -32.80
CA LEU D 297 -3.01 -24.66 -34.01
C LEU D 297 -1.96 -25.02 -35.06
N LEU D 298 -0.84 -25.56 -34.62
CA LEU D 298 0.28 -25.90 -35.50
C LEU D 298 -0.02 -27.06 -36.44
N THR D 299 -0.87 -27.99 -35.99
CA THR D 299 -1.15 -29.22 -36.75
C THR D 299 -2.60 -29.40 -37.21
N GLU D 300 -3.51 -28.55 -36.77
CA GLU D 300 -4.90 -28.67 -37.18
C GLU D 300 -5.22 -27.67 -38.29
N THR D 301 -5.98 -28.13 -39.29
CA THR D 301 -6.55 -27.25 -40.30
C THR D 301 -7.89 -26.73 -39.81
N VAL D 302 -8.00 -25.42 -39.64
CA VAL D 302 -9.25 -24.78 -39.24
C VAL D 302 -9.72 -23.92 -40.39
N TYR D 303 -10.88 -24.26 -40.93
CA TYR D 303 -11.43 -23.56 -42.09
C TYR D 303 -12.14 -22.28 -41.66
NAM NIQ E . 15.72 22.08 -5.02
CAL NIQ E . 14.48 22.57 -5.11
CAH NIQ E . 14.16 23.17 -6.33
NAI NIQ E . 15.11 23.17 -7.27
CAK NIQ E . 13.53 22.53 -4.08
OAQ NIQ E . 13.75 22.05 -2.97
NAJ NIQ E . 12.28 23.11 -4.33
CAF NIQ E . 12.00 23.67 -5.59
OAE NIQ E . 10.89 24.15 -5.74
NAG NIQ E . 12.95 23.71 -6.56
CAD NIQ E . 12.66 24.29 -7.90
CAC NIQ E . 12.13 23.13 -8.70
CAB NIQ E . 11.65 23.68 -10.04
CAA NIQ E . 11.30 22.45 -10.89
CAO NIQ E . 17.29 20.23 -4.24
CAO NIQ E . 15.99 23.80 -3.10
CAP NIQ E . 16.74 19.08 -3.44
CAP NIQ E . 17.13 24.20 -2.34
CAS NIQ E . 15.91 18.51 -4.48
CAS NIQ E . 18.32 23.65 -3.14
CAR NIQ E . 15.06 19.71 -4.67
CAR NIQ E . 17.75 22.29 -3.51
CAN NIQ E . 15.95 20.92 -4.14
CAN NIQ E . 16.64 22.95 -4.23
CL CL F . 19.15 28.00 -6.75
NAM NIQ G . -22.59 -13.06 4.90
CAL NIQ G . -22.72 -11.83 5.44
CAH NIQ G . -23.17 -11.51 6.75
NAI NIQ G . -23.48 -12.48 7.60
CAK NIQ G . -22.38 -10.83 4.56
OAQ NIQ G . -21.97 -11.11 3.43
NAJ NIQ G . -22.49 -9.50 4.98
CAF NIQ G . -22.94 -9.22 6.29
OAE NIQ G . -23.02 -8.02 6.61
NAG NIQ G . -23.27 -10.21 7.14
CAD NIQ G . -23.73 -9.89 8.51
CAC NIQ G . -22.44 -9.68 9.29
CAB NIQ G . -22.85 -9.33 10.71
CAA NIQ G . -21.55 -9.41 11.52
CAO NIQ G . -21.31 -15.11 4.34
CAO NIQ G . -24.38 -14.51 5.92
CAP NIQ G . -19.88 -15.30 4.58
CAP NIQ G . -25.04 -14.48 4.64
CAS NIQ G . -19.42 -13.94 4.20
CAS NIQ G . -24.17 -15.33 3.78
CAR NIQ G . -20.18 -13.27 5.34
CAR NIQ G . -22.85 -15.45 4.54
CAN NIQ G . -21.54 -13.99 5.35
CAN NIQ G . -22.89 -14.34 5.56
CL CL H . -28.93 -15.25 7.33
NAM NIQ I . 17.20 9.33 34.72
CAL NIQ I . 17.67 8.11 34.78
CAH NIQ I . 17.95 7.56 36.03
NAI NIQ I . 17.63 8.31 37.11
CAK NIQ I . 17.98 7.46 33.60
OAQ NIQ I . 17.75 7.96 32.50
NAJ NIQ I . 18.52 6.18 33.71
CAF NIQ I . 18.76 5.63 34.99
OAE NIQ I . 19.23 4.50 35.03
NAG NIQ I . 18.48 6.33 36.12
CAD NIQ I . 18.71 5.74 37.45
CAC NIQ I . 17.57 4.79 37.65
CAB NIQ I . 17.83 4.10 38.97
CAA NIQ I . 16.50 3.41 39.33
CAO NIQ I . 15.66 11.34 34.90
CAO NIQ I . 18.80 11.00 33.94
CAP NIQ I . 15.31 11.95 33.55
CAP NIQ I . 19.06 12.18 34.67
CAS NIQ I . 14.49 10.89 32.88
CAS NIQ I . 17.77 12.90 34.46
CAR NIQ I . 15.55 9.85 32.98
CAR NIQ I . 16.73 11.77 34.50
CAN NIQ I . 15.86 9.87 34.47
CAN NIQ I . 17.65 10.71 34.90
CL CL J . 21.11 12.77 39.38
NAM NIQ K . -12.56 -13.62 -35.22
CAL NIQ K . -11.48 -14.37 -35.32
CAH NIQ K . -11.00 -14.69 -36.59
NAI NIQ K . -11.64 -14.16 -37.63
CAK NIQ K . -10.91 -14.87 -34.17
OAQ NIQ K . -11.37 -14.59 -33.06
NAJ NIQ K . -9.78 -15.70 -34.34
CAF NIQ K . -9.31 -15.99 -35.64
OAE NIQ K . -8.32 -16.71 -35.76
NAG NIQ K . -9.92 -15.49 -36.74
CAD NIQ K . -9.42 -15.79 -38.10
CAC NIQ K . -8.43 -14.68 -38.38
CAB NIQ K . -7.70 -15.04 -39.67
CAA NIQ K . -7.10 -13.72 -40.16
CAO NIQ K . -14.04 -11.77 -34.31
CAO NIQ K . -14.89 -13.08 -34.49
CAP NIQ K . -13.50 -10.42 -34.22
CAP NIQ K . -16.09 -13.88 -34.89
CAS NIQ K . -12.60 -10.62 -33.05
CAS NIQ K . -15.46 -15.20 -34.69
CAR NIQ K . -11.75 -11.64 -33.81
CAR NIQ K . -14.56 -15.05 -35.84
CAN NIQ K . -12.72 -12.17 -34.93
CAN NIQ K . -13.98 -13.58 -35.57
CL CL L . -16.76 -17.14 -39.80
O1 MES M . -28.58 1.14 -45.46
C2 MES M . -27.19 0.82 -45.50
C3 MES M . -26.33 2.06 -45.26
N4 MES M . -27.16 3.21 -44.84
C5 MES M . -28.01 2.76 -43.73
C6 MES M . -28.98 1.68 -44.20
C7 MES M . -26.33 4.37 -44.40
C8 MES M . -25.38 4.83 -45.50
S MES M . -25.01 6.48 -45.42
O1S MES M . -23.88 6.09 -46.30
O2S MES M . -25.47 7.32 -46.57
O3S MES M . -23.89 7.00 -44.60
#